data_7T78
#
_entry.id   7T78
#
_cell.length_a   76.370
_cell.length_b   83.700
_cell.length_c   84.970
_cell.angle_alpha   90.000
_cell.angle_beta   100.380
_cell.angle_gamma   90.000
#
_symmetry.space_group_name_H-M   'P 1 21 1'
#
loop_
_entity.id
_entity.type
_entity.pdbx_description
1 polymer 'Isoform 2 of Hexokinase-4'
2 non-polymer alpha-D-glucopyranose
3 non-polymer 'SODIUM ION'
4 non-polymer 'diethyl {[2-(3-[4-(methanesulfonyl)phenoxy]-5-{[(2S)-1-methoxypropan-2-yl]oxy}benzamido)-1,3-thiazol-4-yl]methyl}phosphonate'
5 non-polymer 1,2-ETHANEDIOL
6 water water
#
_entity_poly.entity_id   1
_entity_poly.type   'polypeptide(L)'
_entity_poly.pdbx_seq_one_letter_code
;MAMDVTRSQAQTALTLVEQILAEFQLQEEDLKKVMRRMQKEMDRGLRLETHEEASVKMLPTYVRSTPEGSEVGDFLSLDL
GGTNFRVMLVKVGEGEEGQWSVKTKHQMYSIPEDAMTGTAEMLFDYISECISDFLDKHQMKHKKLPLGFTFSFPVRHEDI
DKGILLNWTKGFKASGAEGNNVVGLLRDAIKRRGDFEMDVVAMVNDTVATMISCYYEDHQCEVGMIVGTGCNACYMEEMQ
NVELVEGDEGRMCVNTEWGAFGDSGELDEFLLEYDRLVDESSANPGQQLYEKLIGGKYMGELVRLVLLRLVDENLLFHGE
ASEQLRTRGAFETRFVSQVESDTGDRKQIYNILSTLGLRPSTTDCDIVRRACESVSTRAAHMCSAGLAGVINRMRESRSE
DVMRITVGVDGSVYKLHPSFKERFHASVRRLTPSCEITFIESEEGSGRGAALVSAVACKKACMLGQ
;
_entity_poly.pdbx_strand_id   A,B
#
# COMPACT_ATOMS: atom_id res chain seq x y z
N LEU A 14 -21.79 -12.01 -12.50
CA LEU A 14 -20.41 -12.36 -12.15
C LEU A 14 -20.32 -13.20 -10.90
N THR A 15 -19.39 -14.17 -10.88
CA THR A 15 -19.20 -15.03 -9.71
C THR A 15 -18.45 -14.26 -8.67
N LEU A 16 -18.62 -14.64 -7.41
CA LEU A 16 -17.94 -14.08 -6.25
C LEU A 16 -16.42 -14.21 -6.45
N VAL A 17 -15.97 -15.38 -7.00
CA VAL A 17 -14.57 -15.66 -7.34
C VAL A 17 -14.04 -14.54 -8.21
N GLU A 18 -14.71 -14.28 -9.34
CA GLU A 18 -14.32 -13.24 -10.31
C GLU A 18 -14.43 -11.83 -9.77
N GLN A 19 -15.25 -11.65 -8.74
CA GLN A 19 -15.35 -10.35 -8.05
C GLN A 19 -14.07 -10.13 -7.22
N ILE A 20 -13.54 -11.20 -6.61
CA ILE A 20 -12.28 -11.19 -5.85
C ILE A 20 -11.08 -11.05 -6.79
N LEU A 21 -11.10 -11.75 -7.95
CA LEU A 21 -10.01 -11.72 -8.93
C LEU A 21 -9.89 -10.39 -9.62
N ALA A 22 -11.03 -9.69 -9.78
CA ALA A 22 -11.11 -8.36 -10.39
C ALA A 22 -10.25 -7.34 -9.67
N GLU A 23 -9.99 -7.53 -8.37
CA GLU A 23 -9.16 -6.62 -7.57
C GLU A 23 -7.75 -6.47 -8.14
N PHE A 24 -7.30 -7.44 -8.98
CA PHE A 24 -5.98 -7.43 -9.62
C PHE A 24 -5.92 -6.52 -10.83
N GLN A 25 -7.09 -6.18 -11.42
CA GLN A 25 -7.21 -5.34 -12.62
C GLN A 25 -6.61 -3.98 -12.43
N LEU A 26 -5.94 -3.48 -13.46
CA LEU A 26 -5.39 -2.12 -13.46
C LEU A 26 -5.84 -1.44 -14.74
N GLN A 27 -6.54 -0.32 -14.60
CA GLN A 27 -7.03 0.50 -15.72
C GLN A 27 -5.85 1.18 -16.42
N GLU A 28 -6.05 1.64 -17.66
CA GLU A 28 -5.00 2.35 -18.39
C GLU A 28 -4.55 3.60 -17.65
N GLU A 29 -5.47 4.27 -16.94
CA GLU A 29 -5.16 5.46 -16.16
C GLU A 29 -4.37 5.13 -14.88
N ASP A 30 -4.62 3.93 -14.30
CA ASP A 30 -3.89 3.43 -13.12
C ASP A 30 -2.40 3.25 -13.52
N LEU A 31 -2.17 2.65 -14.72
CA LEU A 31 -0.85 2.42 -15.29
C LEU A 31 -0.11 3.69 -15.68
N LYS A 32 -0.87 4.71 -16.15
CA LYS A 32 -0.29 6.02 -16.50
C LYS A 32 0.18 6.76 -15.25
N LYS A 33 -0.60 6.62 -14.16
CA LYS A 33 -0.29 7.19 -12.84
C LYS A 33 0.98 6.52 -12.28
N VAL A 34 1.08 5.16 -12.42
CA VAL A 34 2.25 4.39 -11.97
C VAL A 34 3.48 4.88 -12.75
N MET A 35 3.36 4.93 -14.09
CA MET A 35 4.41 5.37 -15.01
C MET A 35 4.92 6.78 -14.70
N ARG A 36 3.99 7.75 -14.45
CA ARG A 36 4.37 9.13 -14.13
C ARG A 36 5.14 9.19 -12.83
N ARG A 37 4.68 8.42 -11.81
CA ARG A 37 5.33 8.37 -10.49
C ARG A 37 6.72 7.71 -10.57
N MET A 38 6.88 6.70 -11.45
CA MET A 38 8.16 6.05 -11.67
C MET A 38 9.14 7.11 -12.17
N GLN A 39 8.72 7.92 -13.17
CA GLN A 39 9.50 9.04 -13.76
C GLN A 39 9.89 10.07 -12.73
N LYS A 40 8.96 10.41 -11.79
CA LYS A 40 9.22 11.37 -10.72
C LYS A 40 10.28 10.79 -9.79
N GLU A 41 10.10 9.51 -9.40
CA GLU A 41 11.04 8.80 -8.52
C GLU A 41 12.42 8.61 -9.16
N MET A 42 12.49 8.44 -10.48
CA MET A 42 13.74 8.31 -11.26
C MET A 42 14.51 9.63 -11.24
N ASP A 43 13.76 10.74 -11.39
CA ASP A 43 14.32 12.09 -11.36
C ASP A 43 14.91 12.39 -9.99
N ARG A 44 14.24 11.93 -8.94
CA ARG A 44 14.66 12.10 -7.57
C ARG A 44 15.99 11.39 -7.23
N GLY A 45 16.19 10.19 -7.79
CA GLY A 45 17.39 9.39 -7.56
C GLY A 45 18.63 9.93 -8.23
N LEU A 46 18.43 10.57 -9.39
CA LEU A 46 19.49 11.20 -10.20
C LEU A 46 20.07 12.50 -9.61
N ARG A 47 19.21 13.31 -8.91
CA ARG A 47 19.56 14.60 -8.29
C ARG A 47 20.25 14.45 -6.92
N LEU A 48 21.39 15.16 -6.73
CA LEU A 48 22.20 15.14 -5.48
C LEU A 48 21.37 15.52 -4.24
N GLU A 49 20.45 16.50 -4.39
CA GLU A 49 19.57 16.99 -3.32
C GLU A 49 18.63 15.92 -2.77
N THR A 50 18.10 15.05 -3.65
CA THR A 50 17.10 14.03 -3.26
C THR A 50 17.57 12.56 -3.33
N HIS A 51 18.80 12.29 -3.85
CA HIS A 51 19.31 10.91 -4.00
C HIS A 51 19.20 10.06 -2.72
N GLU A 52 19.56 10.61 -1.55
CA GLU A 52 19.54 9.88 -0.29
C GLU A 52 18.14 9.46 0.16
N GLU A 53 17.14 10.29 -0.13
CA GLU A 53 15.76 10.00 0.28
C GLU A 53 14.97 9.21 -0.80
N ALA A 54 15.51 9.15 -2.03
CA ALA A 54 14.91 8.49 -3.19
C ALA A 54 14.79 6.98 -2.98
N SER A 55 13.59 6.44 -3.23
CA SER A 55 13.31 5.01 -3.13
C SER A 55 13.94 4.31 -4.35
N VAL A 56 13.92 4.95 -5.52
CA VAL A 56 14.48 4.47 -6.79
C VAL A 56 15.86 5.16 -6.87
N LYS A 57 16.92 4.41 -6.57
CA LYS A 57 18.27 4.91 -6.34
C LYS A 57 19.01 5.42 -7.55
N MET A 58 18.70 4.92 -8.76
CA MET A 58 19.33 5.40 -10.02
C MET A 58 20.83 5.44 -9.89
N LEU A 59 21.39 4.29 -9.52
CA LEU A 59 22.80 4.15 -9.24
C LEU A 59 23.70 4.19 -10.47
N PRO A 60 24.73 5.08 -10.48
CA PRO A 60 25.68 5.11 -11.61
C PRO A 60 26.50 3.82 -11.70
N THR A 61 26.64 3.26 -12.90
CA THR A 61 27.37 1.99 -13.05
C THR A 61 28.84 2.13 -13.38
N TYR A 62 29.23 3.30 -13.93
CA TYR A 62 30.56 3.69 -14.44
C TYR A 62 30.83 3.04 -15.79
N VAL A 63 29.78 2.50 -16.42
CA VAL A 63 29.82 1.91 -17.76
C VAL A 63 29.42 3.08 -18.64
N ARG A 64 30.38 3.60 -19.41
CA ARG A 64 30.14 4.72 -20.31
C ARG A 64 29.95 4.28 -21.75
N SER A 65 29.24 5.12 -22.52
CA SER A 65 28.99 5.02 -23.96
C SER A 65 30.34 4.94 -24.70
N THR A 66 30.45 4.05 -25.71
CA THR A 66 31.66 3.91 -26.51
C THR A 66 31.41 3.19 -27.83
N PRO A 67 31.96 3.73 -28.92
CA PRO A 67 31.81 3.07 -30.23
C PRO A 67 32.96 2.11 -30.57
N GLU A 68 34.05 2.11 -29.77
CA GLU A 68 35.25 1.28 -29.97
C GLU A 68 35.03 -0.23 -29.78
N GLY A 69 35.87 -1.02 -30.46
CA GLY A 69 35.90 -2.47 -30.36
C GLY A 69 36.57 -2.82 -29.04
N SER A 70 36.44 -4.06 -28.61
CA SER A 70 37.02 -4.42 -27.33
C SER A 70 38.39 -5.13 -27.50
N GLU A 71 38.99 -5.55 -26.39
CA GLU A 71 40.19 -6.36 -26.41
C GLU A 71 39.78 -7.73 -26.93
N VAL A 72 40.71 -8.44 -27.59
CA VAL A 72 40.50 -9.79 -28.10
C VAL A 72 41.07 -10.75 -27.03
N GLY A 73 40.44 -11.91 -26.88
CA GLY A 73 40.89 -12.93 -25.96
C GLY A 73 39.82 -13.63 -25.16
N ASP A 74 40.27 -14.38 -24.17
CA ASP A 74 39.44 -15.14 -23.24
C ASP A 74 39.16 -14.27 -22.05
N PHE A 75 37.88 -14.22 -21.70
CA PHE A 75 37.36 -13.46 -20.56
C PHE A 75 36.49 -14.35 -19.70
N LEU A 76 36.75 -14.34 -18.40
CA LEU A 76 35.92 -15.12 -17.50
C LEU A 76 34.80 -14.28 -16.97
N SER A 77 33.64 -14.90 -16.77
CA SER A 77 32.46 -14.25 -16.24
C SER A 77 31.87 -15.02 -15.07
N LEU A 78 31.35 -14.28 -14.07
CA LEU A 78 30.64 -14.75 -12.88
C LEU A 78 29.24 -14.15 -12.90
N ASP A 79 28.24 -14.95 -12.51
CA ASP A 79 26.85 -14.48 -12.49
C ASP A 79 26.17 -14.95 -11.19
N LEU A 80 26.16 -14.04 -10.20
CA LEU A 80 25.59 -14.24 -8.88
C LEU A 80 24.43 -13.31 -8.72
N GLY A 81 23.28 -13.90 -8.55
CA GLY A 81 22.04 -13.17 -8.39
C GLY A 81 20.94 -14.06 -7.88
N GLY A 82 21.23 -15.34 -7.73
CA GLY A 82 20.28 -16.32 -7.23
C GLY A 82 20.95 -17.57 -6.70
N THR A 83 20.13 -18.59 -6.39
CA THR A 83 20.57 -19.90 -5.88
C THR A 83 21.43 -20.62 -6.92
N ASN A 84 21.10 -20.48 -8.23
CA ASN A 84 21.89 -21.04 -9.34
C ASN A 84 22.90 -19.97 -9.83
N PHE A 85 24.20 -20.22 -9.60
CA PHE A 85 25.36 -19.38 -9.91
C PHE A 85 25.96 -19.90 -11.21
N ARG A 86 26.48 -18.98 -12.05
CA ARG A 86 27.02 -19.37 -13.36
C ARG A 86 28.45 -18.83 -13.60
N VAL A 87 29.30 -19.69 -14.16
CA VAL A 87 30.67 -19.36 -14.55
C VAL A 87 30.76 -19.50 -16.06
N MET A 88 31.19 -18.44 -16.72
CA MET A 88 31.30 -18.47 -18.17
C MET A 88 32.69 -18.13 -18.68
N LEU A 89 33.07 -18.75 -19.79
CA LEU A 89 34.27 -18.38 -20.51
C LEU A 89 33.76 -17.75 -21.80
N VAL A 90 34.15 -16.51 -22.03
CA VAL A 90 33.78 -15.74 -23.21
C VAL A 90 35.00 -15.51 -24.06
N LYS A 91 34.96 -16.01 -25.31
CA LYS A 91 36.06 -15.89 -26.26
C LYS A 91 35.71 -14.81 -27.29
N VAL A 92 36.43 -13.67 -27.25
CA VAL A 92 36.21 -12.50 -28.13
C VAL A 92 37.32 -12.50 -29.22
N GLY A 93 36.91 -12.53 -30.49
CA GLY A 93 37.81 -12.54 -31.64
C GLY A 93 37.45 -11.54 -32.73
N GLN A 99 34.63 -7.77 -38.18
CA GLN A 99 34.38 -9.23 -38.19
C GLN A 99 34.52 -9.86 -36.77
N TRP A 100 33.71 -9.34 -35.79
CA TRP A 100 33.70 -9.80 -34.39
C TRP A 100 32.96 -11.09 -34.13
N SER A 101 33.59 -12.00 -33.42
CA SER A 101 32.99 -13.27 -33.04
C SER A 101 33.08 -13.41 -31.53
N VAL A 102 31.95 -13.81 -30.89
CA VAL A 102 31.83 -13.99 -29.45
C VAL A 102 31.28 -15.39 -29.18
N LYS A 103 32.13 -16.28 -28.64
CA LYS A 103 31.81 -17.67 -28.30
C LYS A 103 31.79 -17.86 -26.77
N THR A 104 30.85 -18.67 -26.23
CA THR A 104 30.74 -18.88 -24.78
C THR A 104 30.77 -20.37 -24.35
N LYS A 105 31.29 -20.63 -23.13
CA LYS A 105 31.29 -21.93 -22.44
C LYS A 105 30.82 -21.65 -21.04
N HIS A 106 29.89 -22.46 -20.53
CA HIS A 106 29.38 -22.25 -19.18
C HIS A 106 29.28 -23.53 -18.36
N GLN A 107 29.08 -23.32 -17.06
CA GLN A 107 28.81 -24.27 -16.00
C GLN A 107 27.92 -23.58 -14.97
N MET A 108 26.91 -24.35 -14.52
CA MET A 108 25.94 -23.91 -13.52
C MET A 108 26.27 -24.58 -12.22
N TYR A 109 25.98 -23.88 -11.09
CA TYR A 109 26.22 -24.32 -9.71
C TYR A 109 25.07 -23.93 -8.80
N SER A 110 24.60 -24.87 -7.99
CA SER A 110 23.57 -24.52 -7.03
C SER A 110 24.24 -24.22 -5.72
N ILE A 111 23.96 -23.05 -5.17
CA ILE A 111 24.51 -22.60 -3.90
C ILE A 111 23.66 -23.23 -2.81
N PRO A 112 24.29 -23.96 -1.87
CA PRO A 112 23.52 -24.54 -0.76
C PRO A 112 23.08 -23.45 0.21
N GLU A 113 21.95 -23.68 0.93
CA GLU A 113 21.38 -22.76 1.92
C GLU A 113 22.40 -22.29 2.97
N ASP A 114 23.28 -23.21 3.46
CA ASP A 114 24.32 -22.88 4.44
C ASP A 114 25.32 -21.83 3.92
N ALA A 115 25.61 -21.79 2.59
CA ALA A 115 26.52 -20.82 1.97
C ALA A 115 25.83 -19.50 1.59
N MET A 116 24.49 -19.41 1.75
CA MET A 116 23.73 -18.19 1.45
C MET A 116 23.18 -17.50 2.71
N THR A 117 23.23 -18.20 3.87
CA THR A 117 22.71 -17.69 5.16
C THR A 117 23.82 -17.48 6.20
N GLY A 118 25.02 -17.97 5.90
CA GLY A 118 26.19 -17.79 6.75
C GLY A 118 26.87 -16.47 6.46
N THR A 119 28.20 -16.48 6.35
CA THR A 119 28.98 -15.26 6.12
C THR A 119 29.21 -15.00 4.63
N ALA A 120 29.60 -13.77 4.28
CA ALA A 120 30.00 -13.36 2.94
C ALA A 120 31.24 -14.15 2.53
N GLU A 121 32.15 -14.38 3.49
CA GLU A 121 33.38 -15.17 3.32
C GLU A 121 33.02 -16.58 2.88
N MET A 122 32.02 -17.22 3.55
CA MET A 122 31.51 -18.56 3.23
C MET A 122 30.95 -18.60 1.81
N LEU A 123 30.17 -17.56 1.42
CA LEU A 123 29.56 -17.41 0.13
C LEU A 123 30.64 -17.26 -0.95
N PHE A 124 31.61 -16.37 -0.73
CA PHE A 124 32.69 -16.16 -1.69
C PHE A 124 33.65 -17.33 -1.76
N ASP A 125 33.83 -18.11 -0.67
CA ASP A 125 34.63 -19.34 -0.70
C ASP A 125 33.91 -20.37 -1.60
N TYR A 126 32.56 -20.50 -1.51
CA TYR A 126 31.78 -21.43 -2.35
C TYR A 126 31.97 -21.06 -3.79
N ILE A 127 31.82 -19.77 -4.14
CA ILE A 127 31.97 -19.23 -5.49
C ILE A 127 33.34 -19.60 -6.06
N SER A 128 34.40 -19.39 -5.26
CA SER A 128 35.79 -19.64 -5.65
C SER A 128 36.05 -21.08 -5.93
N GLU A 129 35.46 -21.97 -5.09
CA GLU A 129 35.49 -23.41 -5.26
C GLU A 129 34.91 -23.81 -6.63
N CYS A 130 33.78 -23.18 -7.04
CA CYS A 130 33.11 -23.36 -8.35
C CYS A 130 34.00 -22.88 -9.50
N ILE A 131 34.67 -21.71 -9.33
CA ILE A 131 35.56 -21.15 -10.34
C ILE A 131 36.66 -22.18 -10.61
N SER A 132 37.26 -22.70 -9.55
CA SER A 132 38.31 -23.73 -9.55
C SER A 132 37.86 -24.97 -10.32
N ASP A 133 36.63 -25.44 -10.07
CA ASP A 133 36.00 -26.56 -10.77
C ASP A 133 35.89 -26.23 -12.26
N PHE A 134 35.36 -25.03 -12.61
CA PHE A 134 35.23 -24.60 -14.03
C PHE A 134 36.58 -24.66 -14.73
N LEU A 135 37.62 -24.12 -14.09
CA LEU A 135 38.97 -24.11 -14.64
C LEU A 135 39.49 -25.52 -14.87
N ASP A 136 39.24 -26.44 -13.90
CA ASP A 136 39.65 -27.84 -14.03
C ASP A 136 38.93 -28.46 -15.24
N LYS A 137 37.60 -28.39 -15.29
CA LYS A 137 36.78 -28.95 -16.39
C LYS A 137 37.10 -28.37 -17.79
N HIS A 138 37.74 -27.20 -17.85
CA HIS A 138 38.06 -26.56 -19.12
C HIS A 138 39.57 -26.44 -19.38
N GLN A 139 40.40 -27.21 -18.60
CA GLN A 139 41.87 -27.32 -18.69
C GLN A 139 42.58 -25.97 -18.66
N MET A 140 42.22 -25.11 -17.70
CA MET A 140 42.79 -23.77 -17.59
C MET A 140 43.03 -23.28 -16.18
N LYS A 141 43.38 -24.21 -15.24
CA LYS A 141 43.66 -23.88 -13.83
C LYS A 141 44.93 -23.04 -13.67
N HIS A 142 45.86 -23.16 -14.65
CA HIS A 142 47.13 -22.45 -14.63
C HIS A 142 47.09 -21.08 -15.32
N LYS A 143 45.91 -20.66 -15.87
CA LYS A 143 45.73 -19.40 -16.61
C LYS A 143 45.20 -18.29 -15.75
N LYS A 144 45.79 -17.07 -15.86
CA LYS A 144 45.35 -15.87 -15.14
C LYS A 144 44.57 -15.03 -16.17
N LEU A 145 43.24 -15.02 -16.03
CA LEU A 145 42.36 -14.35 -16.97
C LEU A 145 41.70 -13.08 -16.41
N PRO A 146 41.23 -12.14 -17.28
CA PRO A 146 40.41 -11.02 -16.77
C PRO A 146 39.00 -11.55 -16.45
N LEU A 147 38.38 -11.03 -15.38
CA LEU A 147 37.08 -11.50 -14.94
C LEU A 147 36.05 -10.39 -14.80
N GLY A 148 34.90 -10.61 -15.42
CA GLY A 148 33.72 -9.75 -15.31
C GLY A 148 32.78 -10.37 -14.30
N PHE A 149 32.30 -9.57 -13.38
CA PHE A 149 31.44 -10.07 -12.32
C PHE A 149 30.08 -9.44 -12.35
N THR A 150 29.07 -10.27 -12.67
CA THR A 150 27.68 -9.82 -12.61
C THR A 150 27.20 -10.12 -11.19
N PHE A 151 26.87 -9.03 -10.47
CA PHE A 151 26.42 -9.07 -9.11
C PHE A 151 25.09 -8.36 -9.11
N SER A 152 23.99 -9.14 -9.08
CA SER A 152 22.60 -8.65 -9.24
C SER A 152 21.90 -8.18 -7.95
N PHE A 153 22.51 -7.20 -7.28
CA PHE A 153 22.07 -6.61 -6.01
C PHE A 153 22.37 -5.13 -6.00
N PRO A 154 21.66 -4.29 -5.21
CA PRO A 154 21.96 -2.85 -5.26
C PRO A 154 23.35 -2.50 -4.74
N VAL A 155 24.12 -1.82 -5.58
CA VAL A 155 25.50 -1.46 -5.24
C VAL A 155 25.77 0.02 -5.53
N ARG A 156 26.63 0.65 -4.69
CA ARG A 156 27.10 2.02 -4.90
CA ARG A 156 27.09 2.00 -4.95
C ARG A 156 28.54 1.87 -5.46
N HIS A 157 28.72 2.15 -6.74
CA HIS A 157 30.04 2.02 -7.37
C HIS A 157 30.88 3.23 -7.14
N GLU A 158 32.19 3.01 -7.08
CA GLU A 158 33.16 4.10 -6.99
C GLU A 158 33.84 4.15 -8.36
N ASP A 159 33.84 2.98 -9.04
CA ASP A 159 34.37 2.77 -10.38
C ASP A 159 33.79 1.45 -10.89
N ILE A 160 34.13 1.09 -12.13
CA ILE A 160 33.74 -0.13 -12.83
C ILE A 160 34.17 -1.41 -12.08
N ASP A 161 35.20 -1.31 -11.21
CA ASP A 161 35.80 -2.43 -10.48
C ASP A 161 35.79 -2.28 -8.93
N LYS A 162 35.01 -1.32 -8.40
CA LYS A 162 34.88 -1.08 -6.96
C LYS A 162 33.44 -0.70 -6.65
N GLY A 163 32.83 -1.41 -5.71
CA GLY A 163 31.43 -1.19 -5.36
C GLY A 163 31.00 -1.79 -4.05
N ILE A 164 30.35 -0.97 -3.25
CA ILE A 164 29.83 -1.31 -1.92
C ILE A 164 28.42 -1.88 -2.03
N LEU A 165 28.17 -3.03 -1.38
CA LEU A 165 26.82 -3.61 -1.36
C LEU A 165 25.93 -2.75 -0.45
N LEU A 166 24.85 -2.18 -1.00
CA LEU A 166 23.95 -1.35 -0.21
C LEU A 166 23.12 -2.19 0.72
N ASN A 167 22.41 -3.18 0.16
CA ASN A 167 21.64 -4.15 0.93
C ASN A 167 21.37 -5.37 0.07
N TRP A 168 21.10 -6.52 0.70
CA TRP A 168 20.72 -7.70 -0.04
C TRP A 168 19.26 -7.58 -0.46
N THR A 169 18.88 -8.30 -1.53
CA THR A 169 17.51 -8.41 -2.02
C THR A 169 17.25 -9.88 -2.36
N LYS A 170 16.01 -10.22 -2.77
CA LYS A 170 15.59 -11.57 -3.21
C LYS A 170 15.89 -12.70 -2.21
N GLY A 171 15.86 -12.40 -0.93
CA GLY A 171 16.10 -13.40 0.11
C GLY A 171 17.53 -13.69 0.49
N PHE A 172 18.53 -13.03 -0.17
CA PHE A 172 19.94 -13.23 0.18
C PHE A 172 20.18 -12.58 1.55
N LYS A 173 21.02 -13.19 2.41
CA LYS A 173 21.22 -12.65 3.77
C LYS A 173 22.61 -12.94 4.39
N ALA A 174 23.65 -13.15 3.56
CA ALA A 174 25.00 -13.42 4.05
C ALA A 174 25.60 -12.22 4.81
N SER A 175 26.09 -12.47 6.04
CA SER A 175 26.64 -11.45 6.94
C SER A 175 28.03 -10.96 6.53
N GLY A 176 28.34 -9.70 6.87
CA GLY A 176 29.63 -9.09 6.56
C GLY A 176 29.82 -8.65 5.13
N ALA A 177 28.72 -8.55 4.33
CA ALA A 177 28.77 -8.10 2.94
C ALA A 177 28.29 -6.68 2.81
N GLU A 178 27.15 -6.32 3.43
CA GLU A 178 26.63 -4.95 3.34
C GLU A 178 27.62 -3.93 3.91
N GLY A 179 27.84 -2.86 3.15
CA GLY A 179 28.78 -1.79 3.48
C GLY A 179 30.21 -2.07 3.03
N ASN A 180 30.46 -3.27 2.52
CA ASN A 180 31.78 -3.69 2.05
C ASN A 180 31.87 -3.78 0.53
N ASN A 181 33.10 -3.62 0.00
CA ASN A 181 33.42 -3.68 -1.42
C ASN A 181 33.32 -5.12 -1.88
N VAL A 182 32.34 -5.38 -2.73
CA VAL A 182 32.03 -6.72 -3.25
C VAL A 182 33.21 -7.31 -3.99
N VAL A 183 33.94 -6.48 -4.75
CA VAL A 183 35.12 -6.92 -5.53
C VAL A 183 36.24 -7.39 -4.60
N GLY A 184 36.39 -6.69 -3.47
CA GLY A 184 37.32 -7.04 -2.42
C GLY A 184 36.99 -8.39 -1.81
N LEU A 185 35.68 -8.70 -1.59
CA LEU A 185 35.24 -9.98 -1.02
C LEU A 185 35.55 -11.11 -1.98
N LEU A 186 35.38 -10.86 -3.30
CA LEU A 186 35.69 -11.83 -4.34
C LEU A 186 37.20 -12.09 -4.39
N ARG A 187 38.00 -11.01 -4.44
CA ARG A 187 39.48 -11.09 -4.47
C ARG A 187 40.04 -11.82 -3.23
N ASP A 188 39.51 -11.49 -2.03
CA ASP A 188 39.91 -12.11 -0.76
C ASP A 188 39.72 -13.60 -0.78
N ALA A 189 38.53 -14.06 -1.28
CA ALA A 189 38.19 -15.47 -1.37
C ALA A 189 39.10 -16.21 -2.32
N ILE A 190 39.46 -15.58 -3.47
CA ILE A 190 40.35 -16.19 -4.46
C ILE A 190 41.76 -16.40 -3.86
N LYS A 191 42.29 -15.36 -3.16
CA LYS A 191 43.61 -15.38 -2.51
C LYS A 191 43.68 -16.43 -1.37
N ARG A 192 42.60 -16.53 -0.52
CA ARG A 192 42.50 -17.54 0.55
C ARG A 192 42.63 -18.96 -0.01
N ARG A 193 42.05 -19.18 -1.19
CA ARG A 193 42.09 -20.46 -1.86
C ARG A 193 43.49 -20.77 -2.43
N GLY A 194 44.16 -19.73 -3.00
CA GLY A 194 45.49 -19.81 -3.59
C GLY A 194 45.65 -20.85 -4.68
N ASP A 195 44.52 -21.35 -5.23
CA ASP A 195 44.49 -22.39 -6.24
C ASP A 195 44.62 -21.90 -7.68
N PHE A 196 44.27 -20.63 -7.92
CA PHE A 196 44.28 -20.02 -9.24
C PHE A 196 44.36 -18.51 -9.06
N GLU A 197 44.63 -17.81 -10.17
CA GLU A 197 44.72 -16.34 -10.20
C GLU A 197 43.77 -15.75 -11.22
N MET A 198 43.28 -14.54 -10.93
CA MET A 198 42.34 -13.84 -11.79
C MET A 198 42.44 -12.35 -11.55
N ASP A 199 42.17 -11.53 -12.58
CA ASP A 199 42.13 -10.08 -12.42
C ASP A 199 40.67 -9.68 -12.54
N VAL A 200 40.04 -9.30 -11.41
CA VAL A 200 38.66 -8.86 -11.43
C VAL A 200 38.76 -7.44 -11.94
N VAL A 201 38.33 -7.26 -13.19
CA VAL A 201 38.41 -6.01 -13.95
C VAL A 201 37.09 -5.21 -13.93
N ALA A 202 35.94 -5.89 -13.79
CA ALA A 202 34.64 -5.24 -13.83
C ALA A 202 33.57 -5.91 -12.96
N MET A 203 32.67 -5.09 -12.39
CA MET A 203 31.51 -5.54 -11.63
C MET A 203 30.31 -4.79 -12.12
N VAL A 204 29.33 -5.51 -12.64
CA VAL A 204 28.12 -4.96 -13.22
C VAL A 204 26.87 -5.63 -12.65
N ASN A 205 25.74 -4.92 -12.75
CA ASN A 205 24.45 -5.44 -12.40
C ASN A 205 24.00 -6.31 -13.60
N ASP A 206 23.05 -7.24 -13.38
CA ASP A 206 22.55 -8.12 -14.47
C ASP A 206 21.78 -7.35 -15.54
N THR A 207 21.14 -6.21 -15.18
CA THR A 207 20.45 -5.35 -16.14
C THR A 207 21.51 -4.84 -17.13
N VAL A 208 22.63 -4.31 -16.59
CA VAL A 208 23.78 -3.80 -17.32
C VAL A 208 24.36 -4.85 -18.23
N ALA A 209 24.60 -6.08 -17.69
CA ALA A 209 25.16 -7.17 -18.47
C ALA A 209 24.23 -7.60 -19.60
N THR A 210 22.91 -7.62 -19.35
CA THR A 210 21.92 -7.96 -20.37
C THR A 210 21.94 -6.90 -21.48
N MET A 211 21.95 -5.61 -21.12
CA MET A 211 21.98 -4.50 -22.07
C MET A 211 23.21 -4.56 -22.98
N ILE A 212 24.42 -4.78 -22.38
CA ILE A 212 25.71 -4.87 -23.07
C ILE A 212 25.75 -6.07 -24.02
N SER A 213 25.24 -7.20 -23.54
CA SER A 213 25.18 -8.44 -24.31
C SER A 213 24.29 -8.32 -25.56
N CYS A 214 23.16 -7.57 -25.42
CA CYS A 214 22.19 -7.34 -26.48
C CYS A 214 22.68 -6.24 -27.42
N TYR A 215 23.46 -5.27 -26.89
CA TYR A 215 24.08 -4.21 -27.69
C TYR A 215 25.01 -4.81 -28.75
N TYR A 216 25.72 -5.90 -28.42
CA TYR A 216 26.59 -6.61 -29.34
C TYR A 216 25.82 -7.07 -30.60
N GLU A 217 24.54 -7.47 -30.44
CA GLU A 217 23.65 -7.93 -31.53
C GLU A 217 22.98 -6.76 -32.25
N ASP A 218 22.64 -5.70 -31.50
CA ASP A 218 21.90 -4.55 -31.99
C ASP A 218 22.39 -3.31 -31.27
N HIS A 219 23.04 -2.41 -32.01
CA HIS A 219 23.60 -1.16 -31.49
C HIS A 219 22.56 -0.16 -31.05
N GLN A 220 21.26 -0.43 -31.30
CA GLN A 220 20.17 0.44 -30.84
C GLN A 220 19.82 0.10 -29.37
N CYS A 221 20.43 -0.99 -28.80
CA CYS A 221 20.14 -1.40 -27.43
C CYS A 221 20.79 -0.53 -26.41
N GLU A 222 19.99 0.28 -25.70
CA GLU A 222 20.46 1.20 -24.66
C GLU A 222 19.63 1.09 -23.37
N VAL A 223 18.83 0.00 -23.27
CA VAL A 223 18.02 -0.37 -22.10
C VAL A 223 18.22 -1.87 -21.85
N GLY A 224 18.40 -2.20 -20.58
CA GLY A 224 18.50 -3.57 -20.10
C GLY A 224 17.43 -3.78 -19.06
N MET A 225 16.71 -4.91 -19.15
CA MET A 225 15.64 -5.20 -18.20
C MET A 225 15.63 -6.67 -17.77
N ILE A 226 15.43 -6.92 -16.47
CA ILE A 226 15.34 -8.25 -15.88
C ILE A 226 13.94 -8.50 -15.31
N VAL A 227 13.31 -9.60 -15.73
CA VAL A 227 12.06 -10.06 -15.18
C VAL A 227 12.26 -11.57 -14.88
N GLY A 228 12.92 -11.83 -13.75
CA GLY A 228 13.23 -13.18 -13.29
C GLY A 228 12.77 -13.37 -11.87
N THR A 229 13.68 -13.76 -10.99
CA THR A 229 13.42 -13.88 -9.55
C THR A 229 13.05 -12.48 -8.99
N GLY A 230 13.82 -11.49 -9.42
CA GLY A 230 13.64 -10.08 -9.11
C GLY A 230 13.28 -9.34 -10.39
N CYS A 231 13.16 -8.01 -10.30
CA CYS A 231 12.79 -7.16 -11.42
C CYS A 231 13.49 -5.83 -11.34
N ASN A 232 14.21 -5.49 -12.40
CA ASN A 232 14.99 -4.25 -12.44
C ASN A 232 15.23 -3.79 -13.88
N ALA A 233 15.72 -2.55 -14.03
CA ALA A 233 16.06 -1.96 -15.32
C ALA A 233 17.22 -1.01 -15.23
N CYS A 234 18.00 -0.96 -16.31
CA CYS A 234 19.13 -0.04 -16.51
C CYS A 234 18.94 0.66 -17.85
N TYR A 235 19.47 1.85 -18.00
CA TYR A 235 19.37 2.57 -19.27
C TYR A 235 20.55 3.51 -19.44
N MET A 236 20.83 3.93 -20.68
CA MET A 236 21.93 4.87 -20.92
C MET A 236 21.46 6.31 -20.66
N GLU A 237 21.88 6.91 -19.53
CA GLU A 237 21.53 8.30 -19.18
C GLU A 237 22.60 9.32 -19.65
N GLU A 238 22.16 10.55 -20.02
CA GLU A 238 23.02 11.69 -20.36
C GLU A 238 23.82 12.07 -19.10
N MET A 239 25.18 12.13 -19.21
CA MET A 239 26.09 12.43 -18.08
C MET A 239 25.71 13.69 -17.26
N GLN A 240 25.10 14.74 -17.89
CA GLN A 240 24.67 15.97 -17.20
C GLN A 240 23.53 15.69 -16.21
N ASN A 241 22.69 14.66 -16.51
CA ASN A 241 21.59 14.24 -15.64
C ASN A 241 22.08 13.34 -14.50
N VAL A 242 23.25 12.69 -14.70
CA VAL A 242 23.90 11.85 -13.69
C VAL A 242 24.70 12.83 -12.79
N GLU A 243 24.01 13.42 -11.79
CA GLU A 243 24.61 14.39 -10.87
C GLU A 243 25.63 13.79 -9.89
N LEU A 244 25.59 12.46 -9.69
CA LEU A 244 26.47 11.76 -8.78
C LEU A 244 27.84 11.45 -9.38
N VAL A 245 28.01 11.69 -10.70
CA VAL A 245 29.30 11.51 -11.38
C VAL A 245 29.60 12.82 -12.11
N GLU A 246 30.74 13.47 -11.76
CA GLU A 246 31.19 14.73 -12.37
C GLU A 246 31.45 14.55 -13.85
N GLY A 247 30.84 15.43 -14.65
CA GLY A 247 30.94 15.42 -16.11
C GLY A 247 29.60 15.57 -16.78
N ASP A 248 29.59 16.02 -18.04
CA ASP A 248 28.36 16.21 -18.82
C ASP A 248 28.50 15.61 -20.22
N GLU A 249 29.72 15.15 -20.58
CA GLU A 249 30.02 14.57 -21.89
C GLU A 249 29.68 13.06 -21.95
N GLY A 250 28.96 12.67 -22.98
CA GLY A 250 28.56 11.29 -23.19
C GLY A 250 27.45 10.79 -22.28
N ARG A 251 27.26 9.46 -22.31
CA ARG A 251 26.23 8.80 -21.52
C ARG A 251 26.84 7.77 -20.59
N MET A 252 26.13 7.50 -19.50
CA MET A 252 26.53 6.46 -18.56
C MET A 252 25.34 5.59 -18.28
N CYS A 253 25.57 4.28 -18.11
CA CYS A 253 24.50 3.36 -17.76
C CYS A 253 24.10 3.60 -16.31
N VAL A 254 22.79 3.66 -16.08
CA VAL A 254 22.23 3.89 -14.75
C VAL A 254 21.41 2.66 -14.31
N ASN A 255 21.74 2.11 -13.15
CA ASN A 255 21.00 1.00 -12.58
C ASN A 255 19.87 1.61 -11.72
N THR A 256 18.66 1.66 -12.25
CA THR A 256 17.55 2.27 -11.51
C THR A 256 17.29 1.65 -10.14
N GLU A 257 17.32 0.30 -10.04
CA GLU A 257 16.97 -0.49 -8.86
C GLU A 257 15.49 -0.16 -8.59
N TRP A 258 14.68 -0.21 -9.67
CA TRP A 258 13.26 0.13 -9.61
C TRP A 258 12.44 -0.86 -8.78
N GLY A 259 13.07 -1.99 -8.36
CA GLY A 259 12.42 -2.97 -7.51
C GLY A 259 11.95 -2.33 -6.23
N ALA A 260 12.73 -1.31 -5.74
CA ALA A 260 12.46 -0.53 -4.54
C ALA A 260 11.40 0.57 -4.70
N PHE A 261 10.88 0.77 -5.92
CA PHE A 261 9.79 1.68 -6.15
C PHE A 261 8.61 1.24 -5.25
N GLY A 262 8.01 2.19 -4.56
CA GLY A 262 6.91 1.91 -3.65
C GLY A 262 7.39 1.86 -2.22
N ASP A 263 8.71 1.89 -2.00
CA ASP A 263 9.28 1.81 -0.65
C ASP A 263 9.03 3.09 0.18
N SER A 264 8.58 4.17 -0.48
CA SER A 264 8.19 5.40 0.22
C SER A 264 6.71 5.77 -0.09
N GLY A 265 5.87 4.73 -0.17
CA GLY A 265 4.43 4.83 -0.34
C GLY A 265 3.85 5.01 -1.72
N GLU A 266 4.70 5.12 -2.75
CA GLU A 266 4.28 5.37 -4.12
C GLU A 266 3.22 4.43 -4.68
N LEU A 267 3.17 3.18 -4.20
CA LEU A 267 2.22 2.20 -4.71
C LEU A 267 1.12 1.83 -3.75
N ASP A 268 1.07 2.46 -2.56
CA ASP A 268 0.12 2.15 -1.48
C ASP A 268 -1.35 2.02 -1.93
N GLU A 269 -1.80 2.88 -2.87
CA GLU A 269 -3.17 2.84 -3.39
C GLU A 269 -3.49 1.56 -4.20
N PHE A 270 -2.46 0.90 -4.75
CA PHE A 270 -2.61 -0.30 -5.57
C PHE A 270 -2.40 -1.62 -4.80
N LEU A 271 -1.76 -1.57 -3.63
CA LEU A 271 -1.45 -2.77 -2.85
C LEU A 271 -2.68 -3.49 -2.32
N LEU A 272 -2.72 -4.83 -2.55
CA LEU A 272 -3.79 -5.73 -2.11
C LEU A 272 -3.36 -6.40 -0.82
N GLU A 273 -4.27 -7.07 -0.13
CA GLU A 273 -3.98 -7.78 1.12
C GLU A 273 -2.91 -8.86 0.90
N TYR A 274 -2.87 -9.47 -0.31
CA TYR A 274 -1.90 -10.51 -0.68
C TYR A 274 -0.47 -9.98 -0.70
N ASP A 275 -0.31 -8.72 -1.19
CA ASP A 275 0.93 -7.98 -1.28
C ASP A 275 1.48 -7.68 0.12
N ARG A 276 0.61 -7.29 1.08
CA ARG A 276 1.01 -6.98 2.44
C ARG A 276 1.50 -8.21 3.16
N LEU A 277 0.78 -9.31 3.00
CA LEU A 277 1.16 -10.57 3.57
C LEU A 277 2.49 -11.09 2.99
N VAL A 278 2.69 -11.01 1.64
CA VAL A 278 3.92 -11.42 0.96
C VAL A 278 5.11 -10.62 1.51
N ASP A 279 4.90 -9.31 1.71
CA ASP A 279 5.92 -8.41 2.26
C ASP A 279 6.23 -8.72 3.73
N GLU A 280 5.19 -8.78 4.59
CA GLU A 280 5.33 -9.02 6.03
C GLU A 280 6.12 -10.26 6.38
N SER A 281 5.92 -11.35 5.64
CA SER A 281 6.61 -12.61 5.88
C SER A 281 7.89 -12.77 5.03
N SER A 282 8.28 -11.74 4.25
CA SER A 282 9.49 -11.79 3.43
C SER A 282 10.75 -11.50 4.25
N ALA A 283 11.94 -11.78 3.69
CA ALA A 283 13.21 -11.51 4.37
C ALA A 283 13.55 -10.01 4.46
N ASN A 284 12.89 -9.16 3.64
CA ASN A 284 13.10 -7.70 3.60
C ASN A 284 11.75 -6.94 3.72
N PRO A 285 11.02 -7.03 4.86
CA PRO A 285 9.73 -6.31 4.98
C PRO A 285 9.85 -4.81 4.72
N GLY A 286 8.92 -4.27 3.94
CA GLY A 286 8.89 -2.87 3.55
C GLY A 286 9.84 -2.48 2.43
N GLN A 287 10.66 -3.46 1.94
CA GLN A 287 11.63 -3.25 0.87
C GLN A 287 11.25 -3.98 -0.41
N GLN A 288 11.66 -3.45 -1.56
CA GLN A 288 11.42 -4.02 -2.90
C GLN A 288 9.94 -4.26 -3.20
N LEU A 289 9.07 -3.31 -2.81
CA LEU A 289 7.61 -3.46 -2.96
C LEU A 289 7.12 -3.58 -4.41
N TYR A 290 7.73 -2.88 -5.36
CA TYR A 290 7.37 -2.98 -6.78
C TYR A 290 7.77 -4.36 -7.36
N GLU A 291 8.94 -4.85 -6.99
CA GLU A 291 9.47 -6.15 -7.38
C GLU A 291 8.60 -7.26 -6.82
N LYS A 292 8.05 -7.06 -5.62
CA LYS A 292 7.17 -8.04 -4.99
C LYS A 292 5.87 -8.24 -5.76
N LEU A 293 5.52 -7.30 -6.68
CA LEU A 293 4.31 -7.37 -7.52
C LEU A 293 4.57 -8.14 -8.81
N ILE A 294 5.86 -8.28 -9.19
CA ILE A 294 6.29 -8.81 -10.48
C ILE A 294 7.17 -10.08 -10.38
N GLY A 295 8.26 -10.00 -9.62
CA GLY A 295 9.28 -11.04 -9.49
C GLY A 295 8.77 -12.46 -9.30
N GLY A 296 9.46 -13.40 -9.93
CA GLY A 296 9.20 -14.83 -9.81
C GLY A 296 9.48 -15.37 -8.41
N LYS A 297 10.23 -14.64 -7.60
CA LYS A 297 10.49 -15.03 -6.21
C LYS A 297 9.15 -15.00 -5.40
N TYR A 298 8.21 -14.09 -5.78
CA TYR A 298 6.92 -13.79 -5.09
C TYR A 298 5.62 -14.22 -5.80
N MET A 299 5.66 -14.44 -7.11
CA MET A 299 4.47 -14.73 -7.92
C MET A 299 3.64 -15.92 -7.43
N GLY A 300 4.31 -17.05 -7.22
CA GLY A 300 3.69 -18.28 -6.76
C GLY A 300 3.07 -18.12 -5.38
N GLU A 301 3.77 -17.40 -4.50
CA GLU A 301 3.30 -17.07 -3.16
C GLU A 301 2.04 -16.18 -3.21
N LEU A 302 2.00 -15.19 -4.14
CA LEU A 302 0.82 -14.34 -4.37
C LEU A 302 -0.37 -15.23 -4.75
N VAL A 303 -0.16 -16.16 -5.69
CA VAL A 303 -1.20 -17.12 -6.11
C VAL A 303 -1.68 -17.95 -4.92
N ARG A 304 -0.76 -18.49 -4.12
CA ARG A 304 -1.12 -19.30 -2.95
C ARG A 304 -2.07 -18.56 -2.01
N LEU A 305 -1.74 -17.30 -1.75
CA LEU A 305 -2.47 -16.46 -0.84
C LEU A 305 -3.87 -16.17 -1.31
N VAL A 306 -4.02 -16.01 -2.63
CA VAL A 306 -5.30 -15.77 -3.32
C VAL A 306 -6.19 -17.02 -3.16
N LEU A 307 -5.64 -18.22 -3.52
CA LEU A 307 -6.33 -19.51 -3.43
C LEU A 307 -6.83 -19.75 -2.01
N LEU A 308 -5.96 -19.51 -0.99
CA LEU A 308 -6.35 -19.67 0.41
C LEU A 308 -7.51 -18.75 0.84
N ARG A 309 -7.61 -17.52 0.27
CA ARG A 309 -8.72 -16.58 0.58
C ARG A 309 -10.00 -17.18 0.02
N LEU A 310 -9.93 -17.75 -1.21
CA LEU A 310 -11.04 -18.41 -1.89
C LEU A 310 -11.54 -19.63 -1.13
N VAL A 311 -10.61 -20.40 -0.53
CA VAL A 311 -10.89 -21.58 0.28
C VAL A 311 -11.60 -21.15 1.55
N ASP A 312 -11.05 -20.13 2.27
CA ASP A 312 -11.60 -19.59 3.52
C ASP A 312 -13.01 -19.02 3.33
N GLU A 313 -13.31 -18.52 2.12
CA GLU A 313 -14.61 -17.97 1.77
C GLU A 313 -15.55 -19.05 1.22
N ASN A 314 -15.14 -20.32 1.28
CA ASN A 314 -15.85 -21.50 0.81
C ASN A 314 -16.22 -21.43 -0.70
N LEU A 315 -15.28 -20.88 -1.51
CA LEU A 315 -15.44 -20.73 -2.95
C LEU A 315 -14.51 -21.67 -3.76
N LEU A 316 -13.54 -22.32 -3.07
CA LEU A 316 -12.56 -23.19 -3.73
C LEU A 316 -12.26 -24.42 -2.90
N PHE A 317 -12.12 -25.60 -3.56
CA PHE A 317 -11.80 -26.90 -2.91
C PHE A 317 -12.77 -27.28 -1.76
N HIS A 318 -14.07 -26.91 -1.92
CA HIS A 318 -15.14 -27.16 -0.94
C HIS A 318 -14.77 -26.58 0.45
N GLY A 319 -14.07 -25.44 0.41
CA GLY A 319 -13.59 -24.74 1.61
C GLY A 319 -12.54 -25.49 2.40
N GLU A 320 -11.94 -26.52 1.79
CA GLU A 320 -10.92 -27.35 2.43
C GLU A 320 -9.59 -27.31 1.68
N ALA A 321 -8.54 -26.83 2.36
CA ALA A 321 -7.18 -26.80 1.82
C ALA A 321 -6.29 -27.80 2.57
N SER A 322 -5.36 -28.41 1.84
CA SER A 322 -4.37 -29.35 2.35
C SER A 322 -3.33 -28.63 3.22
N GLU A 323 -2.58 -29.38 4.07
CA GLU A 323 -1.50 -28.81 4.91
C GLU A 323 -0.42 -28.19 4.02
N GLN A 324 -0.15 -28.83 2.86
CA GLN A 324 0.81 -28.36 1.85
C GLN A 324 0.42 -26.98 1.33
N LEU A 325 -0.85 -26.80 0.85
CA LEU A 325 -1.32 -25.49 0.37
C LEU A 325 -1.23 -24.40 1.45
N ARG A 326 -1.33 -24.81 2.74
CA ARG A 326 -1.22 -23.87 3.88
C ARG A 326 0.25 -23.60 4.27
N THR A 327 1.23 -24.12 3.51
CA THR A 327 2.66 -23.90 3.76
C THR A 327 3.24 -22.86 2.80
N ARG A 328 3.86 -21.79 3.35
CA ARG A 328 4.51 -20.73 2.58
C ARG A 328 5.45 -21.34 1.60
N GLY A 329 5.38 -20.91 0.35
CA GLY A 329 6.25 -21.41 -0.69
C GLY A 329 5.79 -22.63 -1.43
N ALA A 330 4.74 -23.33 -0.95
CA ALA A 330 4.20 -24.56 -1.57
C ALA A 330 3.76 -24.37 -3.01
N PHE A 331 3.20 -23.18 -3.35
CA PHE A 331 2.79 -22.89 -4.71
C PHE A 331 3.94 -22.19 -5.40
N GLU A 332 4.72 -22.97 -6.14
CA GLU A 332 5.92 -22.54 -6.86
C GLU A 332 5.58 -21.70 -8.05
N THR A 333 6.44 -20.72 -8.36
CA THR A 333 6.24 -19.82 -9.49
C THR A 333 6.21 -20.61 -10.81
N ARG A 334 6.93 -21.76 -10.88
CA ARG A 334 6.87 -22.61 -12.08
C ARG A 334 5.48 -23.22 -12.29
N PHE A 335 4.71 -23.45 -11.19
CA PHE A 335 3.36 -24.00 -11.23
C PHE A 335 2.41 -23.01 -11.88
N VAL A 336 2.64 -21.71 -11.65
CA VAL A 336 1.88 -20.59 -12.24
C VAL A 336 2.00 -20.67 -13.76
N SER A 337 3.24 -20.83 -14.23
CA SER A 337 3.61 -20.94 -15.63
C SER A 337 2.99 -22.25 -16.22
N GLN A 338 3.07 -23.36 -15.46
CA GLN A 338 2.54 -24.66 -15.86
C GLN A 338 1.02 -24.65 -16.00
N VAL A 339 0.31 -24.02 -15.03
CA VAL A 339 -1.16 -23.84 -15.00
C VAL A 339 -1.59 -23.05 -16.28
N GLU A 340 -0.85 -22.01 -16.61
CA GLU A 340 -1.11 -21.16 -17.77
C GLU A 340 -0.75 -21.80 -19.10
N SER A 341 0.06 -22.87 -19.08
CA SER A 341 0.43 -23.59 -20.31
C SER A 341 -0.59 -24.73 -20.60
N ASP A 342 -1.54 -25.00 -19.66
CA ASP A 342 -2.59 -26.02 -19.80
C ASP A 342 -3.36 -25.82 -21.10
N THR A 343 -3.59 -26.90 -21.84
CA THR A 343 -4.26 -26.88 -23.15
C THR A 343 -5.76 -26.65 -23.06
N GLY A 344 -6.36 -27.00 -21.90
CA GLY A 344 -7.79 -26.87 -21.68
C GLY A 344 -8.41 -28.08 -21.02
N ASP A 345 -7.77 -29.26 -21.14
CA ASP A 345 -8.25 -30.50 -20.52
C ASP A 345 -8.12 -30.52 -19.00
N ARG A 346 -7.43 -29.49 -18.42
CA ARG A 346 -7.16 -29.30 -16.98
C ARG A 346 -6.21 -30.36 -16.38
N LYS A 347 -5.60 -31.25 -17.22
CA LYS A 347 -4.67 -32.30 -16.78
C LYS A 347 -3.44 -31.75 -16.01
N GLN A 348 -2.73 -30.76 -16.58
CA GLN A 348 -1.58 -30.10 -15.95
C GLN A 348 -1.98 -29.51 -14.58
N ILE A 349 -3.13 -28.81 -14.54
CA ILE A 349 -3.67 -28.18 -13.32
C ILE A 349 -4.01 -29.23 -12.28
N TYR A 350 -4.70 -30.31 -12.70
CA TYR A 350 -5.06 -31.41 -11.83
C TYR A 350 -3.81 -32.03 -11.18
N ASN A 351 -2.80 -32.32 -12.00
CA ASN A 351 -1.55 -32.94 -11.54
C ASN A 351 -0.77 -32.07 -10.55
N ILE A 352 -0.76 -30.74 -10.72
CA ILE A 352 -0.10 -29.83 -9.76
C ILE A 352 -0.85 -29.88 -8.43
N LEU A 353 -2.17 -29.78 -8.48
CA LEU A 353 -3.04 -29.75 -7.29
C LEU A 353 -3.16 -31.08 -6.56
N SER A 354 -3.14 -32.21 -7.30
CA SER A 354 -3.20 -33.55 -6.73
C SER A 354 -1.94 -33.74 -5.85
N THR A 355 -0.75 -33.38 -6.40
CA THR A 355 0.54 -33.47 -5.70
C THR A 355 0.55 -32.58 -4.46
N LEU A 356 -0.20 -31.46 -4.49
CA LEU A 356 -0.35 -30.51 -3.39
C LEU A 356 -1.33 -30.99 -2.33
N GLY A 357 -1.86 -32.21 -2.52
CA GLY A 357 -2.73 -32.89 -1.55
C GLY A 357 -4.17 -32.51 -1.62
N LEU A 358 -4.63 -32.07 -2.79
CA LEU A 358 -6.01 -31.64 -3.04
C LEU A 358 -6.73 -32.58 -4.00
N ARG A 359 -8.07 -32.65 -3.89
CA ARG A 359 -8.94 -33.41 -4.78
C ARG A 359 -9.81 -32.34 -5.47
N PRO A 360 -9.30 -31.69 -6.55
CA PRO A 360 -10.06 -30.60 -7.16
C PRO A 360 -11.08 -30.99 -8.21
N SER A 361 -12.14 -30.20 -8.29
CA SER A 361 -13.18 -30.37 -9.30
C SER A 361 -12.68 -29.70 -10.59
N THR A 362 -13.44 -29.84 -11.67
CA THR A 362 -13.14 -29.21 -12.95
C THR A 362 -13.21 -27.67 -12.77
N THR A 363 -14.17 -27.21 -11.93
CA THR A 363 -14.40 -25.79 -11.62
C THR A 363 -13.25 -25.23 -10.77
N ASP A 364 -12.77 -26.00 -9.78
CA ASP A 364 -11.62 -25.66 -8.94
C ASP A 364 -10.36 -25.38 -9.82
N CYS A 365 -10.06 -26.31 -10.78
CA CYS A 365 -8.96 -26.21 -11.74
C CYS A 365 -9.05 -24.92 -12.54
N ASP A 366 -10.27 -24.57 -13.00
CA ASP A 366 -10.50 -23.34 -13.76
C ASP A 366 -10.30 -22.09 -12.92
N ILE A 367 -10.70 -22.14 -11.63
CA ILE A 367 -10.55 -21.04 -10.70
C ILE A 367 -9.04 -20.74 -10.50
N VAL A 368 -8.23 -21.81 -10.32
CA VAL A 368 -6.78 -21.78 -10.16
C VAL A 368 -6.12 -21.10 -11.36
N ARG A 369 -6.55 -21.46 -12.58
CA ARG A 369 -6.03 -20.84 -13.78
C ARG A 369 -6.33 -19.34 -13.83
N ARG A 370 -7.57 -18.96 -13.52
CA ARG A 370 -8.05 -17.57 -13.47
C ARG A 370 -7.28 -16.77 -12.43
N ALA A 371 -7.01 -17.41 -11.26
CA ALA A 371 -6.20 -16.82 -10.19
C ALA A 371 -4.75 -16.58 -10.64
N CYS A 372 -4.12 -17.57 -11.35
CA CYS A 372 -2.77 -17.46 -11.90
C CYS A 372 -2.70 -16.32 -12.92
N GLU A 373 -3.71 -16.24 -13.83
CA GLU A 373 -3.80 -15.20 -14.87
C GLU A 373 -3.97 -13.81 -14.29
N SER A 374 -4.72 -13.69 -13.19
CA SER A 374 -4.93 -12.39 -12.53
C SER A 374 -3.62 -11.84 -11.99
N VAL A 375 -2.84 -12.70 -11.30
CA VAL A 375 -1.55 -12.33 -10.70
C VAL A 375 -0.49 -12.01 -11.77
N SER A 376 -0.38 -12.89 -12.79
CA SER A 376 0.60 -12.72 -13.86
C SER A 376 0.30 -11.55 -14.78
N THR A 377 -1.01 -11.28 -15.06
CA THR A 377 -1.43 -10.12 -15.90
C THR A 377 -1.08 -8.81 -15.17
N ARG A 378 -1.32 -8.77 -13.84
CA ARG A 378 -1.01 -7.58 -13.07
C ARG A 378 0.50 -7.34 -13.09
N ALA A 379 1.31 -8.43 -12.93
CA ALA A 379 2.78 -8.37 -12.98
C ALA A 379 3.25 -7.76 -14.29
N ALA A 380 2.70 -8.26 -15.43
CA ALA A 380 3.02 -7.77 -16.80
C ALA A 380 2.68 -6.29 -16.96
N HIS A 381 1.48 -5.86 -16.50
CA HIS A 381 1.00 -4.48 -16.57
C HIS A 381 1.81 -3.51 -15.73
N MET A 382 2.04 -3.87 -14.45
CA MET A 382 2.86 -3.09 -13.51
C MET A 382 4.24 -2.91 -14.05
N CYS A 383 4.80 -3.99 -14.65
CA CYS A 383 6.12 -3.98 -15.25
C CYS A 383 6.20 -3.05 -16.45
N SER A 384 5.15 -3.07 -17.30
CA SER A 384 5.07 -2.23 -18.50
C SER A 384 5.05 -0.74 -18.17
N ALA A 385 4.35 -0.36 -17.06
CA ALA A 385 4.28 1.01 -16.56
C ALA A 385 5.68 1.52 -16.20
N GLY A 386 6.49 0.66 -15.60
CA GLY A 386 7.88 0.97 -15.25
C GLY A 386 8.74 1.19 -16.47
N LEU A 387 8.71 0.24 -17.43
CA LEU A 387 9.52 0.34 -18.66
C LEU A 387 9.11 1.57 -19.53
N ALA A 388 7.80 1.83 -19.64
CA ALA A 388 7.20 2.98 -20.33
C ALA A 388 7.73 4.30 -19.74
N GLY A 389 7.84 4.35 -18.41
CA GLY A 389 8.39 5.50 -17.69
C GLY A 389 9.81 5.79 -18.10
N VAL A 390 10.63 4.73 -18.22
CA VAL A 390 12.03 4.82 -18.63
C VAL A 390 12.12 5.27 -20.11
N ILE A 391 11.37 4.61 -21.00
CA ILE A 391 11.38 4.86 -22.43
C ILE A 391 10.88 6.26 -22.77
N ASN A 392 9.74 6.69 -22.19
CA ASN A 392 9.20 8.04 -22.42
C ASN A 392 10.14 9.11 -21.86
N ARG A 393 10.83 8.81 -20.75
CA ARG A 393 11.82 9.72 -20.18
C ARG A 393 13.00 9.89 -21.18
N MET A 394 13.42 8.79 -21.83
CA MET A 394 14.53 8.80 -22.79
C MET A 394 14.17 9.59 -24.06
N ARG A 395 12.92 9.43 -24.56
CA ARG A 395 12.40 10.13 -25.73
C ARG A 395 12.51 11.65 -25.52
N GLU A 396 12.07 12.14 -24.34
CA GLU A 396 12.11 13.56 -23.95
C GLU A 396 13.53 14.09 -23.86
N SER A 397 14.47 13.31 -23.29
CA SER A 397 15.88 13.67 -23.16
C SER A 397 16.59 13.72 -24.51
N ARG A 398 16.21 12.83 -25.44
CA ARG A 398 16.79 12.75 -26.78
C ARG A 398 15.98 13.54 -27.83
N SER A 399 14.86 14.20 -27.41
CA SER A 399 13.97 15.02 -28.24
C SER A 399 13.66 14.37 -29.63
N VAL A 402 9.88 10.53 -33.03
CA VAL A 402 9.69 9.09 -33.08
C VAL A 402 10.97 8.40 -32.59
N MET A 403 10.95 7.87 -31.35
CA MET A 403 12.15 7.23 -30.78
C MET A 403 12.23 5.76 -31.07
N ARG A 404 13.33 5.35 -31.71
CA ARG A 404 13.58 3.96 -32.06
C ARG A 404 14.62 3.42 -31.08
N ILE A 405 14.17 2.51 -30.20
CA ILE A 405 15.00 1.93 -29.15
C ILE A 405 14.89 0.41 -29.09
N THR A 406 15.98 -0.22 -28.68
CA THR A 406 16.05 -1.65 -28.42
C THR A 406 16.23 -1.88 -26.90
N VAL A 407 15.43 -2.80 -26.34
CA VAL A 407 15.46 -3.18 -24.93
C VAL A 407 15.91 -4.63 -24.87
N GLY A 408 16.99 -4.88 -24.13
CA GLY A 408 17.53 -6.22 -23.90
C GLY A 408 16.87 -6.78 -22.67
N VAL A 409 16.30 -8.00 -22.77
CA VAL A 409 15.56 -8.61 -21.66
C VAL A 409 16.05 -10.01 -21.28
N ASP A 410 16.12 -10.26 -19.98
CA ASP A 410 16.47 -11.55 -19.44
C ASP A 410 15.52 -11.87 -18.27
N GLY A 411 15.56 -13.11 -17.78
CA GLY A 411 14.76 -13.59 -16.67
C GLY A 411 13.71 -14.60 -17.05
N SER A 412 13.51 -15.60 -16.18
CA SER A 412 12.57 -16.73 -16.33
C SER A 412 11.11 -16.32 -16.49
N VAL A 413 10.69 -15.23 -15.82
CA VAL A 413 9.31 -14.74 -15.95
C VAL A 413 9.08 -14.30 -17.38
N TYR A 414 9.91 -13.41 -17.90
CA TYR A 414 9.77 -12.93 -19.27
C TYR A 414 9.97 -14.03 -20.31
N LYS A 415 11.04 -14.82 -20.20
CA LYS A 415 11.33 -15.88 -21.18
C LYS A 415 10.37 -17.05 -21.16
N LEU A 416 10.07 -17.61 -19.98
CA LEU A 416 9.30 -18.85 -19.88
C LEU A 416 7.82 -18.77 -19.56
N HIS A 417 7.30 -17.68 -18.97
CA HIS A 417 5.89 -17.65 -18.62
CA HIS A 417 5.89 -17.60 -18.61
C HIS A 417 4.97 -17.44 -19.83
N PRO A 418 3.90 -18.29 -19.94
CA PRO A 418 2.99 -18.15 -21.08
C PRO A 418 2.26 -16.81 -21.07
N SER A 419 2.43 -16.11 -22.18
CA SER A 419 1.81 -14.82 -22.49
C SER A 419 2.17 -13.69 -21.52
N PHE A 420 3.27 -13.82 -20.74
CA PHE A 420 3.72 -12.72 -19.90
C PHE A 420 4.27 -11.68 -20.86
N LYS A 421 5.19 -12.10 -21.77
CA LYS A 421 5.82 -11.17 -22.68
C LYS A 421 4.83 -10.56 -23.66
N GLU A 422 3.81 -11.32 -24.06
CA GLU A 422 2.76 -10.87 -24.98
C GLU A 422 1.94 -9.75 -24.34
N ARG A 423 1.54 -9.95 -23.07
CA ARG A 423 0.76 -8.96 -22.32
C ARG A 423 1.62 -7.75 -22.04
N PHE A 424 2.88 -7.97 -21.64
CA PHE A 424 3.85 -6.93 -21.36
C PHE A 424 4.15 -6.04 -22.61
N HIS A 425 4.42 -6.68 -23.78
CA HIS A 425 4.67 -5.99 -25.05
C HIS A 425 3.49 -5.11 -25.46
N ALA A 426 2.27 -5.66 -25.46
CA ALA A 426 1.03 -4.95 -25.80
C ALA A 426 0.85 -3.72 -24.90
N SER A 427 0.94 -3.92 -23.57
CA SER A 427 0.76 -2.87 -22.56
C SER A 427 1.82 -1.78 -22.66
N VAL A 428 3.08 -2.16 -22.92
CA VAL A 428 4.18 -1.19 -23.02
C VAL A 428 4.03 -0.32 -24.28
N ARG A 429 3.58 -0.91 -25.42
CA ARG A 429 3.34 -0.20 -26.69
C ARG A 429 2.23 0.85 -26.51
N ARG A 430 1.12 0.49 -25.81
CA ARG A 430 0.02 1.40 -25.50
C ARG A 430 0.50 2.61 -24.70
N LEU A 431 1.48 2.41 -23.82
CA LEU A 431 1.99 3.45 -22.93
C LEU A 431 3.12 4.30 -23.52
N THR A 432 3.73 3.85 -24.64
CA THR A 432 4.84 4.57 -25.30
C THR A 432 4.39 5.00 -26.71
N PRO A 433 3.52 6.04 -26.82
CA PRO A 433 2.95 6.41 -28.14
C PRO A 433 3.92 6.72 -29.30
N SER A 434 4.93 7.56 -29.10
CA SER A 434 5.79 7.85 -30.25
C SER A 434 7.14 7.15 -30.15
N CYS A 435 7.10 5.86 -29.82
CA CYS A 435 8.29 5.02 -29.69
C CYS A 435 8.10 3.73 -30.47
N GLU A 436 9.16 3.28 -31.11
CA GLU A 436 9.17 2.03 -31.85
C GLU A 436 10.19 1.19 -31.09
N ILE A 437 9.68 0.28 -30.24
CA ILE A 437 10.51 -0.52 -29.35
C ILE A 437 10.78 -1.91 -29.89
N THR A 438 12.05 -2.31 -29.87
CA THR A 438 12.45 -3.65 -30.28
C THR A 438 12.92 -4.41 -29.06
N PHE A 439 12.41 -5.63 -28.87
CA PHE A 439 12.81 -6.44 -27.72
C PHE A 439 13.71 -7.55 -28.16
N ILE A 440 14.86 -7.70 -27.47
CA ILE A 440 15.80 -8.77 -27.71
C ILE A 440 15.81 -9.61 -26.45
N GLU A 441 15.37 -10.87 -26.60
CA GLU A 441 15.35 -11.86 -25.55
C GLU A 441 16.80 -12.31 -25.45
N SER A 442 17.42 -12.00 -24.32
CA SER A 442 18.81 -12.32 -24.12
C SER A 442 18.94 -13.75 -23.70
N GLU A 443 19.76 -14.53 -24.42
CA GLU A 443 19.98 -15.93 -24.03
C GLU A 443 20.85 -16.03 -22.74
N GLU A 444 22.16 -15.66 -22.84
CA GLU A 444 23.18 -15.71 -21.79
C GLU A 444 23.56 -14.34 -21.21
N GLY A 445 22.91 -13.29 -21.74
CA GLY A 445 23.09 -11.87 -21.41
C GLY A 445 23.68 -11.48 -20.08
N SER A 446 23.01 -11.93 -19.00
CA SER A 446 23.37 -11.68 -17.61
C SER A 446 24.82 -12.05 -17.28
N GLY A 447 25.40 -13.00 -18.01
CA GLY A 447 26.78 -13.40 -17.82
C GLY A 447 27.70 -12.91 -18.92
N ARG A 448 27.32 -13.09 -20.19
CA ARG A 448 28.16 -12.69 -21.35
C ARG A 448 28.55 -11.20 -21.36
N GLY A 449 27.60 -10.34 -20.97
CA GLY A 449 27.74 -8.90 -20.94
C GLY A 449 28.79 -8.42 -19.97
N ALA A 450 29.05 -9.17 -18.86
CA ALA A 450 30.09 -8.82 -17.88
C ALA A 450 31.47 -9.01 -18.52
N ALA A 451 31.61 -10.04 -19.31
CA ALA A 451 32.84 -10.32 -20.01
C ALA A 451 33.11 -9.28 -21.09
N LEU A 452 32.05 -8.80 -21.77
CA LEU A 452 32.19 -7.79 -22.80
C LEU A 452 32.59 -6.44 -22.18
N VAL A 453 32.05 -6.12 -20.97
CA VAL A 453 32.44 -4.89 -20.25
C VAL A 453 33.92 -5.05 -19.83
N SER A 454 34.32 -6.27 -19.41
CA SER A 454 35.69 -6.59 -19.03
C SER A 454 36.66 -6.41 -20.19
N ALA A 455 36.25 -6.83 -21.42
CA ALA A 455 37.02 -6.71 -22.65
C ALA A 455 37.21 -5.25 -23.08
N VAL A 456 36.19 -4.42 -22.88
CA VAL A 456 36.24 -2.98 -23.18
C VAL A 456 37.08 -2.25 -22.11
N ALA A 457 36.87 -2.57 -20.82
CA ALA A 457 37.61 -2.01 -19.69
C ALA A 457 39.12 -2.25 -19.83
N CYS A 458 39.50 -3.50 -20.21
CA CYS A 458 40.87 -3.98 -20.42
C CYS A 458 41.71 -3.15 -21.40
N LYS A 459 41.07 -2.39 -22.32
CA LYS A 459 41.78 -1.49 -23.24
C LYS A 459 42.71 -0.55 -22.45
N LYS A 460 42.20 0.04 -21.33
CA LYS A 460 42.95 0.91 -20.43
C LYS A 460 43.79 0.14 -19.39
N ALA A 461 43.28 -0.97 -18.82
CA ALA A 461 44.05 -1.76 -17.85
C ALA A 461 44.82 -2.90 -18.54
N ALA B 13 -17.43 -29.45 10.14
CA ALA B 13 -17.17 -28.46 11.21
C ALA B 13 -16.49 -27.18 10.69
N LEU B 14 -15.32 -27.33 10.00
CA LEU B 14 -14.56 -26.21 9.43
C LEU B 14 -15.36 -25.59 8.30
N THR B 15 -16.07 -26.47 7.55
CA THR B 15 -16.97 -26.08 6.48
C THR B 15 -18.17 -25.38 7.07
N LEU B 16 -18.78 -25.92 8.17
CA LEU B 16 -19.95 -25.32 8.81
C LEU B 16 -19.74 -23.85 9.17
N VAL B 17 -18.60 -23.55 9.82
CA VAL B 17 -18.11 -22.23 10.22
C VAL B 17 -18.02 -21.33 8.96
N GLU B 18 -17.33 -21.83 7.89
CA GLU B 18 -17.14 -21.12 6.64
C GLU B 18 -18.45 -20.81 5.97
N GLN B 19 -19.41 -21.73 6.09
CA GLN B 19 -20.75 -21.57 5.55
C GLN B 19 -21.51 -20.54 6.36
N ILE B 20 -21.33 -20.55 7.71
CA ILE B 20 -22.00 -19.56 8.57
C ILE B 20 -21.47 -18.15 8.26
N LEU B 21 -20.12 -17.96 8.27
CA LEU B 21 -19.41 -16.72 8.00
C LEU B 21 -19.67 -16.15 6.62
N ALA B 22 -19.96 -16.98 5.60
CA ALA B 22 -20.30 -16.50 4.26
C ALA B 22 -21.49 -15.55 4.24
N GLU B 23 -22.27 -15.51 5.34
CA GLU B 23 -23.42 -14.60 5.49
C GLU B 23 -22.94 -13.14 5.45
N PHE B 24 -21.66 -12.93 5.80
CA PHE B 24 -21.04 -11.59 5.80
C PHE B 24 -20.72 -11.08 4.42
N GLN B 25 -20.69 -11.99 3.43
CA GLN B 25 -20.38 -11.64 2.04
C GLN B 25 -21.38 -10.68 1.43
N LEU B 26 -20.89 -9.77 0.62
CA LEU B 26 -21.73 -8.84 -0.13
C LEU B 26 -21.27 -8.91 -1.58
N GLN B 27 -22.22 -9.20 -2.49
CA GLN B 27 -21.97 -9.27 -3.95
C GLN B 27 -21.73 -7.87 -4.50
N GLU B 28 -21.12 -7.77 -5.68
CA GLU B 28 -20.86 -6.47 -6.31
C GLU B 28 -22.16 -5.70 -6.55
N GLU B 29 -23.26 -6.42 -6.87
CA GLU B 29 -24.56 -5.82 -7.07
C GLU B 29 -25.23 -5.35 -5.76
N ASP B 30 -24.92 -6.04 -4.63
CA ASP B 30 -25.38 -5.64 -3.29
C ASP B 30 -24.74 -4.26 -2.95
N LEU B 31 -23.42 -4.11 -3.26
CA LEU B 31 -22.66 -2.89 -3.03
C LEU B 31 -23.11 -1.75 -3.92
N LYS B 32 -23.52 -2.06 -5.17
CA LYS B 32 -24.02 -1.04 -6.11
C LYS B 32 -25.38 -0.50 -5.66
N LYS B 33 -26.22 -1.39 -5.12
CA LYS B 33 -27.52 -1.08 -4.58
C LYS B 33 -27.35 -0.18 -3.31
N VAL B 34 -26.36 -0.51 -2.44
CA VAL B 34 -26.03 0.28 -1.24
C VAL B 34 -25.60 1.68 -1.70
N MET B 35 -24.65 1.73 -2.65
CA MET B 35 -24.10 2.96 -3.20
C MET B 35 -25.20 3.88 -3.82
N ARG B 36 -26.13 3.29 -4.63
CA ARG B 36 -27.22 4.04 -5.26
C ARG B 36 -28.14 4.63 -4.21
N ARG B 37 -28.47 3.84 -3.16
CA ARG B 37 -29.34 4.25 -2.06
CA ARG B 37 -29.34 4.27 -2.08
C ARG B 37 -28.70 5.36 -1.24
N MET B 38 -27.36 5.30 -1.06
CA MET B 38 -26.62 6.33 -0.33
C MET B 38 -26.82 7.65 -1.07
N GLN B 39 -26.65 7.64 -2.42
CA GLN B 39 -26.82 8.79 -3.32
C GLN B 39 -28.23 9.36 -3.25
N LYS B 40 -29.26 8.48 -3.18
CA LYS B 40 -30.66 8.90 -3.07
C LYS B 40 -30.86 9.59 -1.70
N GLU B 41 -30.35 8.95 -0.63
CA GLU B 41 -30.44 9.50 0.73
C GLU B 41 -29.67 10.81 0.89
N MET B 42 -28.54 10.99 0.18
CA MET B 42 -27.74 12.21 0.18
C MET B 42 -28.53 13.35 -0.47
N ASP B 43 -29.22 13.02 -1.59
CA ASP B 43 -30.05 13.98 -2.32
C ASP B 43 -31.19 14.46 -1.48
N ARG B 44 -31.77 13.56 -0.69
CA ARG B 44 -32.87 13.84 0.23
C ARG B 44 -32.50 14.82 1.36
N GLY B 45 -31.28 14.69 1.90
CA GLY B 45 -30.79 15.53 2.99
C GLY B 45 -30.48 16.94 2.57
N LEU B 46 -30.06 17.10 1.30
CA LEU B 46 -29.72 18.38 0.68
C LEU B 46 -30.94 19.27 0.33
N ARG B 47 -32.09 18.65 -0.05
CA ARG B 47 -33.35 19.30 -0.45
C ARG B 47 -34.20 19.75 0.76
N LEU B 48 -34.67 21.02 0.74
CA LEU B 48 -35.49 21.65 1.80
C LEU B 48 -36.76 20.85 2.10
N GLU B 49 -37.41 20.32 1.04
CA GLU B 49 -38.64 19.50 1.15
C GLU B 49 -38.46 18.22 1.97
N THR B 50 -37.31 17.54 1.82
CA THR B 50 -37.05 16.25 2.47
C THR B 50 -35.99 16.24 3.59
N HIS B 51 -35.28 17.37 3.82
CA HIS B 51 -34.21 17.42 4.84
C HIS B 51 -34.63 16.90 6.24
N GLU B 52 -35.81 17.29 6.73
CA GLU B 52 -36.28 16.89 8.05
C GLU B 52 -36.56 15.40 8.18
N GLU B 53 -37.01 14.76 7.11
CA GLU B 53 -37.30 13.32 7.12
C GLU B 53 -36.08 12.44 6.72
N ALA B 54 -35.05 13.06 6.14
CA ALA B 54 -33.82 12.41 5.66
C ALA B 54 -33.02 11.77 6.80
N SER B 55 -32.65 10.52 6.62
CA SER B 55 -31.84 9.76 7.57
C SER B 55 -30.39 10.28 7.49
N VAL B 56 -29.92 10.64 6.28
CA VAL B 56 -28.57 11.15 5.98
C VAL B 56 -28.79 12.66 5.90
N LYS B 57 -28.40 13.37 6.97
CA LYS B 57 -28.73 14.78 7.20
C LYS B 57 -28.05 15.78 6.30
N MET B 58 -26.85 15.47 5.77
CA MET B 58 -26.15 16.35 4.81
C MET B 58 -26.07 17.75 5.34
N LEU B 59 -25.56 17.86 6.56
CA LEU B 59 -25.50 19.12 7.30
C LEU B 59 -24.49 20.13 6.75
N PRO B 60 -24.95 21.37 6.43
CA PRO B 60 -24.01 22.40 5.96
C PRO B 60 -23.00 22.76 7.07
N THR B 61 -21.71 22.88 6.72
CA THR B 61 -20.67 23.17 7.72
C THR B 61 -20.34 24.65 7.82
N TYR B 62 -20.69 25.44 6.78
CA TYR B 62 -20.40 26.87 6.60
C TYR B 62 -18.92 27.10 6.26
N VAL B 63 -18.21 26.01 5.91
CA VAL B 63 -16.84 26.04 5.47
C VAL B 63 -16.97 26.13 3.95
N ARG B 64 -16.62 27.28 3.40
CA ARG B 64 -16.69 27.50 1.97
C ARG B 64 -15.34 27.37 1.29
N SER B 65 -15.37 27.04 0.01
CA SER B 65 -14.26 26.98 -0.95
C SER B 65 -13.52 28.32 -0.95
N THR B 66 -12.19 28.28 -0.95
CA THR B 66 -11.37 29.48 -1.04
C THR B 66 -9.98 29.16 -1.59
N PRO B 67 -9.55 29.90 -2.65
CA PRO B 67 -8.18 29.70 -3.15
C PRO B 67 -7.20 30.55 -2.32
N GLU B 68 -7.77 31.49 -1.53
CA GLU B 68 -7.10 32.49 -0.72
C GLU B 68 -6.22 31.91 0.36
N GLY B 69 -5.35 32.75 0.86
CA GLY B 69 -4.48 32.38 1.96
C GLY B 69 -5.18 32.67 3.26
N SER B 70 -4.65 32.14 4.35
CA SER B 70 -5.31 32.38 5.63
C SER B 70 -4.61 33.52 6.40
N GLU B 71 -5.08 33.80 7.62
CA GLU B 71 -4.44 34.72 8.53
C GLU B 71 -3.14 34.08 8.97
N VAL B 72 -2.15 34.89 9.29
CA VAL B 72 -0.87 34.40 9.79
C VAL B 72 -0.92 34.51 11.33
N GLY B 73 -0.28 33.57 11.99
CA GLY B 73 -0.24 33.60 13.43
C GLY B 73 -0.35 32.26 14.10
N ASP B 74 -0.51 32.34 15.43
CA ASP B 74 -0.67 31.21 16.32
C ASP B 74 -2.14 30.91 16.47
N PHE B 75 -2.50 29.64 16.28
CA PHE B 75 -3.87 29.15 16.38
C PHE B 75 -3.93 27.94 17.29
N LEU B 76 -4.84 27.97 18.23
CA LEU B 76 -5.01 26.85 19.10
C LEU B 76 -6.09 25.91 18.55
N SER B 77 -5.91 24.64 18.76
CA SER B 77 -6.97 23.75 18.36
C SER B 77 -7.24 22.71 19.41
N LEU B 78 -8.46 22.19 19.37
CA LEU B 78 -8.95 21.16 20.27
C LEU B 78 -9.80 20.16 19.48
N ASP B 79 -9.64 18.86 19.74
CA ASP B 79 -10.53 17.88 19.12
C ASP B 79 -11.30 17.11 20.19
N LEU B 80 -12.60 16.88 20.03
CA LEU B 80 -13.42 16.04 20.93
C LEU B 80 -14.25 15.01 20.11
N GLY B 81 -14.08 13.71 20.37
CA GLY B 81 -14.80 12.65 19.66
C GLY B 81 -14.73 11.29 20.30
N GLY B 82 -13.93 11.25 21.37
CA GLY B 82 -13.68 10.06 22.16
C GLY B 82 -13.13 10.36 23.54
N THR B 83 -12.71 9.29 24.22
CA THR B 83 -12.10 9.31 25.56
C THR B 83 -10.75 10.05 25.54
N ASN B 84 -9.97 9.89 24.44
CA ASN B 84 -8.69 10.58 24.20
C ASN B 84 -8.89 11.79 23.32
N PHE B 85 -8.18 12.86 23.64
CA PHE B 85 -8.21 14.04 22.81
C PHE B 85 -6.87 14.75 22.79
N ARG B 86 -6.73 15.66 21.82
CA ARG B 86 -5.50 16.43 21.66
C ARG B 86 -5.78 17.90 21.69
N VAL B 87 -4.79 18.65 22.22
CA VAL B 87 -4.78 20.11 22.22
C VAL B 87 -3.57 20.45 21.34
N MET B 88 -3.72 21.38 20.39
CA MET B 88 -2.60 21.71 19.50
C MET B 88 -2.36 23.18 19.37
N LEU B 89 -1.10 23.53 19.07
CA LEU B 89 -0.66 24.88 18.75
C LEU B 89 -0.18 24.81 17.33
N VAL B 90 -0.86 25.59 16.47
CA VAL B 90 -0.57 25.63 15.04
C VAL B 90 -0.07 27.02 14.67
N LYS B 91 1.15 27.09 14.13
CA LYS B 91 1.80 28.33 13.73
C LYS B 91 1.75 28.42 12.22
N VAL B 92 0.99 29.41 11.70
CA VAL B 92 0.79 29.62 10.25
C VAL B 92 1.62 30.84 9.82
N GLY B 93 2.53 30.63 8.86
CA GLY B 93 3.38 31.70 8.32
C GLY B 93 3.52 31.74 6.80
N GLU B 94 3.92 32.92 6.24
CA GLU B 94 4.13 33.11 4.80
C GLU B 94 5.54 33.63 4.53
N GLN B 99 4.46 30.41 -0.43
CA GLN B 99 5.50 30.18 0.58
C GLN B 99 4.95 29.94 2.03
N TRP B 100 3.84 29.15 2.16
CA TRP B 100 3.16 28.83 3.42
C TRP B 100 3.84 27.76 4.26
N SER B 101 4.02 28.06 5.55
CA SER B 101 4.59 27.09 6.48
C SER B 101 3.60 26.92 7.63
N VAL B 102 3.34 25.65 8.00
CA VAL B 102 2.42 25.27 9.07
C VAL B 102 3.17 24.33 10.04
N LYS B 103 3.46 24.83 11.24
CA LYS B 103 4.19 24.12 12.31
C LYS B 103 3.24 23.77 13.42
N THR B 104 3.22 22.47 13.78
CA THR B 104 2.31 21.84 14.76
C THR B 104 2.97 21.20 16.00
N LYS B 105 2.43 21.58 17.18
CA LYS B 105 2.79 21.04 18.49
C LYS B 105 1.51 20.57 19.20
N HIS B 106 1.56 19.41 19.84
CA HIS B 106 0.38 18.84 20.49
C HIS B 106 0.67 18.20 21.87
N GLN B 107 -0.41 17.94 22.62
CA GLN B 107 -0.45 17.18 23.86
C GLN B 107 -1.69 16.31 23.81
N MET B 108 -1.62 15.15 24.46
CA MET B 108 -2.69 14.15 24.51
C MET B 108 -3.26 14.17 25.91
N TYR B 109 -4.57 13.89 26.04
CA TYR B 109 -5.28 13.87 27.31
C TYR B 109 -6.30 12.79 27.25
N SER B 110 -6.63 12.15 28.41
CA SER B 110 -7.64 11.09 28.55
C SER B 110 -8.70 11.57 29.51
N ILE B 111 -9.96 11.54 29.06
CA ILE B 111 -11.10 11.97 29.87
C ILE B 111 -11.50 10.79 30.76
N PRO B 112 -11.61 10.99 32.08
CA PRO B 112 -12.09 9.91 32.96
C PRO B 112 -13.59 9.68 32.75
N GLU B 113 -14.07 8.44 33.03
CA GLU B 113 -15.48 8.05 32.84
C GLU B 113 -16.48 8.98 33.53
N ASP B 114 -16.16 9.45 34.75
CA ASP B 114 -17.03 10.36 35.50
C ASP B 114 -17.26 11.70 34.78
N ALA B 115 -16.24 12.19 34.04
CA ALA B 115 -16.35 13.44 33.28
C ALA B 115 -17.01 13.23 31.89
N MET B 116 -17.29 11.99 31.53
CA MET B 116 -17.91 11.72 30.26
C MET B 116 -19.38 11.31 30.35
N THR B 117 -19.82 10.88 31.54
CA THR B 117 -21.15 10.34 31.82
C THR B 117 -21.97 11.26 32.72
N GLY B 118 -21.32 12.29 33.28
CA GLY B 118 -22.00 13.31 34.08
C GLY B 118 -22.63 14.38 33.21
N THR B 119 -22.41 15.65 33.59
CA THR B 119 -22.99 16.78 32.84
C THR B 119 -22.03 17.28 31.74
N ALA B 120 -22.58 18.05 30.79
CA ALA B 120 -21.83 18.72 29.74
C ALA B 120 -20.85 19.70 30.41
N GLU B 121 -21.31 20.38 31.49
CA GLU B 121 -20.52 21.32 32.30
C GLU B 121 -19.29 20.64 32.86
N MET B 122 -19.46 19.43 33.44
CA MET B 122 -18.38 18.61 34.01
C MET B 122 -17.36 18.24 32.93
N LEU B 123 -17.85 17.86 31.73
CA LEU B 123 -17.05 17.47 30.58
C LEU B 123 -16.23 18.66 30.08
N PHE B 124 -16.90 19.81 29.91
CA PHE B 124 -16.22 21.02 29.43
C PHE B 124 -15.27 21.59 30.49
N ASP B 125 -15.56 21.42 31.80
CA ASP B 125 -14.61 21.84 32.85
C ASP B 125 -13.31 21.01 32.75
N TYR B 126 -13.43 19.70 32.53
CA TYR B 126 -12.25 18.83 32.36
C TYR B 126 -11.41 19.28 31.16
N ILE B 127 -12.07 19.53 30.02
CA ILE B 127 -11.43 19.98 28.78
C ILE B 127 -10.64 21.27 29.03
N SER B 128 -11.27 22.24 29.74
CA SER B 128 -10.69 23.56 30.03
C SER B 128 -9.46 23.45 30.91
N GLU B 129 -9.51 22.53 31.88
CA GLU B 129 -8.39 22.21 32.75
C GLU B 129 -7.17 21.76 31.91
N CYS B 130 -7.42 20.91 30.89
CA CYS B 130 -6.41 20.41 29.96
C CYS B 130 -5.84 21.55 29.09
N ILE B 131 -6.71 22.46 28.59
CA ILE B 131 -6.28 23.62 27.80
C ILE B 131 -5.28 24.44 28.62
N SER B 132 -5.65 24.73 29.89
CA SER B 132 -4.83 25.44 30.88
C SER B 132 -3.44 24.79 31.03
N ASP B 133 -3.41 23.45 31.16
CA ASP B 133 -2.17 22.68 31.21
C ASP B 133 -1.36 22.91 29.93
N PHE B 134 -2.01 22.80 28.75
CA PHE B 134 -1.35 23.01 27.46
C PHE B 134 -0.69 24.39 27.37
N LEU B 135 -1.39 25.44 27.81
CA LEU B 135 -0.90 26.81 27.84
C LEU B 135 0.31 26.94 28.79
N ASP B 136 0.24 26.30 29.97
CA ASP B 136 1.34 26.31 30.94
C ASP B 136 2.57 25.65 30.29
N LYS B 137 2.43 24.40 29.77
CA LYS B 137 3.52 23.66 29.12
C LYS B 137 4.14 24.35 27.89
N HIS B 138 3.41 25.30 27.29
CA HIS B 138 3.92 26.00 26.10
C HIS B 138 4.17 27.49 26.33
N GLN B 139 4.22 27.91 27.62
CA GLN B 139 4.52 29.28 28.11
C GLN B 139 3.62 30.35 27.48
N MET B 140 2.29 30.11 27.46
CA MET B 140 1.36 31.04 26.84
C MET B 140 0.03 31.17 27.56
N LYS B 141 0.03 31.08 28.91
CA LYS B 141 -1.18 31.20 29.73
C LYS B 141 -1.75 32.61 29.70
N HIS B 142 -0.89 33.61 29.40
CA HIS B 142 -1.30 35.01 29.38
C HIS B 142 -1.69 35.52 28.00
N LYS B 143 -1.69 34.65 26.96
CA LYS B 143 -2.04 34.96 25.57
C LYS B 143 -3.48 34.60 25.26
N LYS B 144 -4.20 35.49 24.55
CA LYS B 144 -5.57 35.26 24.09
C LYS B 144 -5.49 34.90 22.60
N LEU B 145 -5.68 33.61 22.30
CA LEU B 145 -5.53 33.09 20.93
C LEU B 145 -6.83 32.70 20.26
N PRO B 146 -6.87 32.64 18.89
CA PRO B 146 -8.07 32.09 18.23
C PRO B 146 -8.04 30.55 18.37
N LEU B 147 -9.21 29.94 18.58
CA LEU B 147 -9.30 28.50 18.80
C LEU B 147 -10.25 27.80 17.83
N GLY B 148 -9.78 26.70 17.30
CA GLY B 148 -10.51 25.84 16.37
C GLY B 148 -10.92 24.60 17.10
N PHE B 149 -12.20 24.25 17.01
CA PHE B 149 -12.73 23.13 17.77
C PHE B 149 -13.30 22.03 16.86
N THR B 150 -12.64 20.87 16.85
CA THR B 150 -13.17 19.70 16.15
C THR B 150 -14.09 18.98 17.16
N PHE B 151 -15.36 18.88 16.83
CA PHE B 151 -16.38 18.20 17.64
C PHE B 151 -17.06 17.13 16.74
N SER B 152 -16.77 15.88 17.02
CA SER B 152 -17.11 14.67 16.23
C SER B 152 -18.48 14.03 16.50
N PHE B 153 -19.52 14.83 16.38
CA PHE B 153 -20.90 14.43 16.67
C PHE B 153 -21.83 15.21 15.75
N PRO B 154 -23.08 14.73 15.46
CA PRO B 154 -23.96 15.49 14.56
C PRO B 154 -24.36 16.85 15.13
N VAL B 155 -24.05 17.91 14.38
CA VAL B 155 -24.30 19.29 14.76
C VAL B 155 -25.04 20.08 13.64
N ARG B 156 -26.03 20.88 14.04
CA ARG B 156 -26.74 21.76 13.13
C ARG B 156 -26.00 23.07 13.29
N HIS B 157 -25.19 23.42 12.30
CA HIS B 157 -24.43 24.67 12.31
C HIS B 157 -25.30 25.85 11.85
N GLU B 158 -25.10 27.02 12.46
CA GLU B 158 -25.80 28.27 12.11
C GLU B 158 -24.79 29.15 11.39
N ASP B 159 -23.50 28.92 11.72
CA ASP B 159 -22.34 29.56 11.16
C ASP B 159 -21.16 28.68 11.53
N ILE B 160 -19.97 29.07 11.05
CA ILE B 160 -18.68 28.43 11.30
C ILE B 160 -18.34 28.35 12.81
N ASP B 161 -18.95 29.24 13.64
CA ASP B 161 -18.68 29.38 15.08
C ASP B 161 -19.90 29.17 16.02
N LYS B 162 -20.98 28.62 15.47
CA LYS B 162 -22.20 28.33 16.22
C LYS B 162 -22.80 27.05 15.71
N GLY B 163 -23.09 26.14 16.65
CA GLY B 163 -23.67 24.85 16.32
C GLY B 163 -24.30 24.12 17.46
N ILE B 164 -25.54 23.67 17.23
CA ILE B 164 -26.35 22.95 18.19
C ILE B 164 -26.08 21.47 18.08
N LEU B 165 -25.83 20.79 19.23
CA LEU B 165 -25.66 19.35 19.22
C LEU B 165 -27.03 18.70 18.97
N LEU B 166 -27.15 17.92 17.86
CA LEU B 166 -28.41 17.25 17.53
C LEU B 166 -28.65 16.10 18.47
N ASN B 167 -27.67 15.18 18.55
CA ASN B 167 -27.72 14.07 19.48
C ASN B 167 -26.31 13.52 19.65
N TRP B 168 -26.06 12.82 20.76
CA TRP B 168 -24.78 12.17 20.94
C TRP B 168 -24.77 10.89 20.10
N THR B 169 -23.59 10.41 19.75
CA THR B 169 -23.38 9.14 19.03
C THR B 169 -22.21 8.47 19.73
N LYS B 170 -21.88 7.23 19.30
CA LYS B 170 -20.73 6.45 19.79
C LYS B 170 -20.73 6.22 21.31
N GLY B 171 -21.91 6.17 21.92
CA GLY B 171 -22.03 5.95 23.37
C GLY B 171 -21.79 7.15 24.27
N PHE B 172 -21.57 8.36 23.72
CA PHE B 172 -21.42 9.57 24.54
C PHE B 172 -22.78 9.88 25.12
N LYS B 173 -22.83 10.38 26.38
CA LYS B 173 -24.09 10.62 27.07
C LYS B 173 -24.05 11.74 28.12
N ALA B 174 -23.18 12.75 27.98
CA ALA B 174 -23.16 13.87 28.95
C ALA B 174 -24.48 14.71 28.85
N SER B 175 -25.13 14.92 30.00
CA SER B 175 -26.42 15.64 30.09
C SER B 175 -26.30 17.16 29.90
N GLY B 176 -27.35 17.78 29.38
CA GLY B 176 -27.43 19.22 29.13
C GLY B 176 -26.67 19.74 27.91
N ALA B 177 -26.30 18.82 26.99
CA ALA B 177 -25.58 19.20 25.77
C ALA B 177 -26.49 19.24 24.55
N GLU B 178 -27.35 18.21 24.36
CA GLU B 178 -28.25 18.19 23.20
C GLU B 178 -29.22 19.40 23.22
N GLY B 179 -29.33 20.04 22.06
CA GLY B 179 -30.16 21.22 21.86
C GLY B 179 -29.44 22.51 22.15
N ASN B 180 -28.23 22.41 22.73
CA ASN B 180 -27.41 23.56 23.09
C ASN B 180 -26.26 23.79 22.15
N ASN B 181 -25.82 25.06 22.06
CA ASN B 181 -24.71 25.50 21.24
C ASN B 181 -23.43 25.01 21.90
N VAL B 182 -22.75 24.09 21.21
CA VAL B 182 -21.53 23.44 21.70
C VAL B 182 -20.44 24.47 21.99
N VAL B 183 -20.33 25.51 21.14
CA VAL B 183 -19.36 26.60 21.29
C VAL B 183 -19.62 27.36 22.60
N GLY B 184 -20.90 27.56 22.93
CA GLY B 184 -21.37 28.17 24.17
C GLY B 184 -20.94 27.36 25.38
N LEU B 185 -21.01 26.01 25.29
CA LEU B 185 -20.61 25.12 26.40
C LEU B 185 -19.11 25.21 26.65
N LEU B 186 -18.35 25.31 25.57
CA LEU B 186 -16.89 25.45 25.63
C LEU B 186 -16.55 26.84 26.24
N ARG B 187 -17.15 27.93 25.73
CA ARG B 187 -16.95 29.29 26.23
C ARG B 187 -17.31 29.43 27.71
N ASP B 188 -18.45 28.85 28.12
CA ASP B 188 -18.93 28.87 29.51
C ASP B 188 -17.92 28.27 30.45
N ALA B 189 -17.38 27.10 30.07
CA ALA B 189 -16.39 26.38 30.87
C ALA B 189 -15.09 27.16 31.03
N ILE B 190 -14.64 27.84 29.96
CA ILE B 190 -13.42 28.66 29.97
C ILE B 190 -13.62 29.86 30.94
N LYS B 191 -14.80 30.54 30.88
CA LYS B 191 -15.13 31.69 31.73
C LYS B 191 -15.24 31.31 33.20
N ARG B 192 -15.88 30.13 33.52
CA ARG B 192 -15.99 29.60 34.89
C ARG B 192 -14.63 29.41 35.51
N ARG B 193 -13.68 28.98 34.68
CA ARG B 193 -12.31 28.74 35.08
C ARG B 193 -11.63 30.08 35.39
N GLY B 194 -11.77 31.07 34.49
CA GLY B 194 -11.17 32.40 34.59
C GLY B 194 -9.64 32.46 34.59
N ASP B 195 -8.99 31.34 34.22
CA ASP B 195 -7.54 31.17 34.21
C ASP B 195 -6.84 31.65 32.95
N PHE B 196 -7.57 31.69 31.83
CA PHE B 196 -7.04 32.07 30.52
C PHE B 196 -8.19 32.55 29.67
N GLU B 197 -7.86 33.19 28.52
CA GLU B 197 -8.83 33.69 27.57
C GLU B 197 -8.58 33.11 26.19
N MET B 198 -9.66 32.93 25.43
CA MET B 198 -9.60 32.38 24.08
C MET B 198 -10.78 32.89 23.26
N ASP B 199 -10.61 33.01 21.94
CA ASP B 199 -11.72 33.33 21.05
C ASP B 199 -12.01 32.06 20.26
N VAL B 200 -13.12 31.38 20.58
CA VAL B 200 -13.51 30.19 19.84
C VAL B 200 -14.09 30.78 18.56
N VAL B 201 -13.33 30.63 17.50
CA VAL B 201 -13.62 31.18 16.16
C VAL B 201 -14.23 30.18 15.21
N ALA B 202 -14.02 28.85 15.43
CA ALA B 202 -14.54 27.81 14.51
C ALA B 202 -14.83 26.49 15.21
N MET B 203 -15.89 25.82 14.74
CA MET B 203 -16.29 24.49 15.21
C MET B 203 -16.60 23.66 13.99
N VAL B 204 -15.86 22.55 13.84
CA VAL B 204 -15.97 21.66 12.69
C VAL B 204 -16.10 20.22 13.13
N ASN B 205 -16.60 19.40 12.22
CA ASN B 205 -16.68 17.97 12.41
C ASN B 205 -15.25 17.42 12.10
N ASP B 206 -14.93 16.22 12.57
CA ASP B 206 -13.63 15.59 12.33
C ASP B 206 -13.40 15.25 10.88
N THR B 207 -14.48 14.98 10.11
CA THR B 207 -14.40 14.72 8.66
C THR B 207 -13.86 15.98 8.03
N VAL B 208 -14.47 17.13 8.36
CA VAL B 208 -14.12 18.48 7.89
C VAL B 208 -12.67 18.80 8.21
N ALA B 209 -12.21 18.67 9.52
CA ALA B 209 -10.83 18.92 9.95
C ALA B 209 -9.87 18.04 9.16
N THR B 210 -10.21 16.75 9.00
CA THR B 210 -9.38 15.85 8.21
C THR B 210 -9.20 16.36 6.78
N MET B 211 -10.31 16.69 6.10
CA MET B 211 -10.31 17.16 4.72
C MET B 211 -9.44 18.44 4.54
N ILE B 212 -9.63 19.43 5.44
CA ILE B 212 -8.92 20.71 5.44
C ILE B 212 -7.38 20.56 5.65
N SER B 213 -6.98 19.71 6.59
CA SER B 213 -5.58 19.46 6.86
C SER B 213 -4.93 18.72 5.65
N CYS B 214 -5.67 17.83 5.01
CA CYS B 214 -5.14 17.11 3.85
C CYS B 214 -5.10 18.02 2.63
N TYR B 215 -6.04 18.97 2.55
CA TYR B 215 -6.08 19.98 1.48
C TYR B 215 -4.79 20.81 1.46
N TYR B 216 -4.26 21.14 2.65
CA TYR B 216 -3.02 21.89 2.77
C TYR B 216 -1.85 21.17 2.05
N GLU B 217 -1.84 19.82 2.08
CA GLU B 217 -0.82 18.97 1.43
C GLU B 217 -1.12 18.75 -0.05
N ASP B 218 -2.40 18.63 -0.40
CA ASP B 218 -2.86 18.32 -1.73
C ASP B 218 -4.16 19.06 -1.99
N HIS B 219 -4.12 20.02 -2.92
CA HIS B 219 -5.26 20.86 -3.28
C HIS B 219 -6.37 20.13 -3.99
N GLN B 220 -6.13 18.85 -4.36
CA GLN B 220 -7.18 18.03 -4.97
C GLN B 220 -8.09 17.43 -3.89
N CYS B 221 -7.74 17.62 -2.57
CA CYS B 221 -8.53 17.06 -1.48
C CYS B 221 -9.78 17.81 -1.22
N GLU B 222 -10.93 17.21 -1.57
CA GLU B 222 -12.25 17.82 -1.36
C GLU B 222 -13.25 16.86 -0.70
N VAL B 223 -12.72 15.75 -0.15
CA VAL B 223 -13.46 14.72 0.59
C VAL B 223 -12.66 14.40 1.87
N GLY B 224 -13.39 14.29 2.97
CA GLY B 224 -12.85 13.91 4.27
C GLY B 224 -13.61 12.71 4.74
N MET B 225 -12.91 11.68 5.23
CA MET B 225 -13.57 10.47 5.70
C MET B 225 -12.94 9.94 7.00
N ILE B 226 -13.80 9.51 7.94
CA ILE B 226 -13.40 8.92 9.23
C ILE B 226 -13.83 7.48 9.31
N VAL B 227 -12.90 6.59 9.64
CA VAL B 227 -13.17 5.18 9.92
C VAL B 227 -12.41 4.86 11.21
N GLY B 228 -13.02 5.26 12.32
CA GLY B 228 -12.48 5.07 13.67
C GLY B 228 -13.50 4.39 14.55
N THR B 229 -13.79 4.98 15.70
CA THR B 229 -14.83 4.50 16.64
C THR B 229 -16.20 4.60 15.88
N GLY B 230 -16.36 5.70 15.14
CA GLY B 230 -17.52 5.96 14.31
C GLY B 230 -17.14 6.03 12.85
N CYS B 231 -18.10 6.30 11.98
CA CYS B 231 -17.80 6.35 10.54
C CYS B 231 -18.63 7.42 9.88
N ASN B 232 -17.96 8.35 9.19
CA ASN B 232 -18.61 9.48 8.54
C ASN B 232 -17.79 10.03 7.38
N ALA B 233 -18.40 10.90 6.57
CA ALA B 233 -17.76 11.57 5.46
C ALA B 233 -18.31 12.96 5.25
N CYS B 234 -17.44 13.85 4.76
CA CYS B 234 -17.75 15.20 4.34
C CYS B 234 -17.20 15.41 2.92
N TYR B 235 -17.81 16.30 2.17
CA TYR B 235 -17.34 16.57 0.80
C TYR B 235 -17.67 18.01 0.41
N MET B 236 -16.98 18.53 -0.60
CA MET B 236 -17.27 19.89 -1.06
C MET B 236 -18.44 19.86 -2.06
N GLU B 237 -19.63 20.31 -1.65
CA GLU B 237 -20.83 20.37 -2.48
C GLU B 237 -21.00 21.75 -3.17
N GLU B 238 -21.57 21.77 -4.39
CA GLU B 238 -21.94 22.97 -5.15
C GLU B 238 -23.04 23.69 -4.35
N MET B 239 -22.82 25.01 -4.04
CA MET B 239 -23.76 25.84 -3.25
C MET B 239 -25.24 25.79 -3.70
N GLN B 240 -25.51 25.61 -5.03
CA GLN B 240 -26.88 25.51 -5.57
C GLN B 240 -27.59 24.25 -5.10
N ASN B 241 -26.81 23.17 -4.83
CA ASN B 241 -27.32 21.89 -4.32
C ASN B 241 -27.53 21.96 -2.79
N VAL B 242 -26.83 22.88 -2.11
CA VAL B 242 -26.98 23.12 -0.67
C VAL B 242 -28.19 24.08 -0.52
N GLU B 243 -29.41 23.51 -0.52
CA GLU B 243 -30.64 24.28 -0.41
C GLU B 243 -30.88 24.92 0.97
N LEU B 244 -30.18 24.44 2.00
CA LEU B 244 -30.31 24.94 3.36
C LEU B 244 -29.48 26.21 3.62
N VAL B 245 -28.63 26.60 2.66
CA VAL B 245 -27.83 27.84 2.76
C VAL B 245 -28.06 28.61 1.45
N GLU B 246 -28.59 29.84 1.57
CA GLU B 246 -28.90 30.72 0.44
C GLU B 246 -27.62 31.08 -0.32
N GLY B 247 -27.68 30.88 -1.64
CA GLY B 247 -26.57 31.12 -2.56
C GLY B 247 -26.32 29.98 -3.51
N ASP B 248 -25.66 30.26 -4.64
CA ASP B 248 -25.35 29.24 -5.66
C ASP B 248 -23.89 29.33 -6.10
N GLU B 249 -23.18 30.38 -5.64
CA GLU B 249 -21.78 30.62 -6.01
C GLU B 249 -20.81 29.84 -5.10
N GLY B 250 -19.86 29.16 -5.72
CA GLY B 250 -18.86 28.37 -5.01
C GLY B 250 -19.35 27.07 -4.42
N ARG B 251 -18.52 26.50 -3.55
CA ARG B 251 -18.82 25.24 -2.89
C ARG B 251 -18.81 25.37 -1.38
N MET B 252 -19.53 24.49 -0.69
CA MET B 252 -19.54 24.43 0.76
C MET B 252 -19.34 23.00 1.18
N CYS B 253 -18.61 22.81 2.29
CA CYS B 253 -18.41 21.48 2.81
C CYS B 253 -19.70 21.00 3.45
N VAL B 254 -20.05 19.75 3.17
CA VAL B 254 -21.27 19.13 3.70
C VAL B 254 -20.91 17.92 4.57
N ASN B 255 -21.38 17.92 5.82
CA ASN B 255 -21.17 16.82 6.75
C ASN B 255 -22.35 15.85 6.53
N THR B 256 -22.13 14.79 5.78
CA THR B 256 -23.20 13.85 5.46
C THR B 256 -23.89 13.26 6.70
N GLU B 257 -23.09 12.86 7.70
CA GLU B 257 -23.51 12.12 8.88
C GLU B 257 -24.10 10.79 8.36
N TRP B 258 -23.34 10.15 7.43
CA TRP B 258 -23.79 8.92 6.78
C TRP B 258 -23.88 7.75 7.71
N GLY B 259 -23.41 7.93 8.97
CA GLY B 259 -23.51 6.88 9.98
C GLY B 259 -24.95 6.48 10.21
N ALA B 260 -25.88 7.48 10.06
CA ALA B 260 -27.32 7.33 10.20
C ALA B 260 -28.03 6.73 8.98
N PHE B 261 -27.30 6.45 7.90
CA PHE B 261 -27.85 5.76 6.74
C PHE B 261 -28.38 4.40 7.24
N GLY B 262 -29.58 4.05 6.81
CA GLY B 262 -30.25 2.82 7.22
C GLY B 262 -31.26 3.07 8.32
N ASP B 263 -31.29 4.30 8.87
CA ASP B 263 -32.19 4.63 9.99
C ASP B 263 -33.66 4.70 9.56
N SER B 264 -33.91 4.73 8.23
CA SER B 264 -35.28 4.68 7.70
C SER B 264 -35.47 3.45 6.77
N GLY B 265 -34.87 2.33 7.17
CA GLY B 265 -34.95 1.01 6.53
C GLY B 265 -34.09 0.69 5.34
N GLU B 266 -33.29 1.65 4.86
CA GLU B 266 -32.43 1.51 3.67
C GLU B 266 -31.54 0.29 3.64
N LEU B 267 -31.11 -0.21 4.80
CA LEU B 267 -30.20 -1.35 4.85
C LEU B 267 -30.81 -2.63 5.38
N ASP B 268 -32.12 -2.65 5.64
CA ASP B 268 -32.80 -3.79 6.23
C ASP B 268 -32.53 -5.14 5.56
N GLU B 269 -32.45 -5.18 4.22
CA GLU B 269 -32.16 -6.44 3.53
C GLU B 269 -30.74 -7.01 3.76
N PHE B 270 -29.80 -6.15 4.20
CA PHE B 270 -28.41 -6.53 4.45
C PHE B 270 -28.09 -6.86 5.90
N LEU B 271 -28.95 -6.40 6.83
CA LEU B 271 -28.74 -6.64 8.25
C LEU B 271 -28.80 -8.12 8.64
N LEU B 272 -27.79 -8.56 9.39
CA LEU B 272 -27.67 -9.93 9.93
C LEU B 272 -28.21 -9.91 11.35
N GLU B 273 -28.42 -11.08 11.94
CA GLU B 273 -28.92 -11.20 13.30
C GLU B 273 -27.99 -10.51 14.31
N TYR B 274 -26.67 -10.53 14.04
CA TYR B 274 -25.65 -9.87 14.88
C TYR B 274 -25.83 -8.35 14.94
N ASP B 275 -26.20 -7.75 13.81
CA ASP B 275 -26.46 -6.32 13.63
C ASP B 275 -27.69 -5.88 14.41
N ARG B 276 -28.75 -6.74 14.37
CA ARG B 276 -30.03 -6.50 15.05
C ARG B 276 -29.84 -6.49 16.55
N LEU B 277 -29.00 -7.42 17.08
CA LEU B 277 -28.65 -7.56 18.49
C LEU B 277 -27.76 -6.42 18.96
N VAL B 278 -26.72 -6.03 18.15
CA VAL B 278 -25.79 -4.91 18.44
C VAL B 278 -26.60 -3.63 18.60
N ASP B 279 -27.58 -3.41 17.72
CA ASP B 279 -28.45 -2.24 17.77
C ASP B 279 -29.37 -2.22 19.00
N GLU B 280 -30.11 -3.35 19.24
CA GLU B 280 -31.06 -3.48 20.34
C GLU B 280 -30.46 -3.18 21.71
N SER B 281 -29.21 -3.63 21.95
CA SER B 281 -28.53 -3.42 23.21
C SER B 281 -27.63 -2.18 23.22
N SER B 282 -27.63 -1.38 22.14
CA SER B 282 -26.79 -0.18 22.07
C SER B 282 -27.45 1.00 22.82
N ALA B 283 -26.66 2.08 23.04
CA ALA B 283 -27.13 3.30 23.72
C ALA B 283 -28.14 4.10 22.86
N ASN B 284 -28.14 3.87 21.52
CA ASN B 284 -28.99 4.57 20.55
C ASN B 284 -29.73 3.56 19.63
N PRO B 285 -30.65 2.70 20.16
CA PRO B 285 -31.33 1.72 19.29
C PRO B 285 -32.06 2.37 18.13
N GLY B 286 -31.91 1.77 16.94
CA GLY B 286 -32.50 2.27 15.71
C GLY B 286 -31.75 3.43 15.08
N GLN B 287 -30.66 3.91 15.73
CA GLN B 287 -29.85 5.03 15.22
C GLN B 287 -28.45 4.57 14.81
N GLN B 288 -27.85 5.28 13.85
CA GLN B 288 -26.48 5.03 13.33
C GLN B 288 -26.29 3.61 12.81
N LEU B 289 -27.30 3.06 12.11
CA LEU B 289 -27.27 1.66 11.63
C LEU B 289 -26.13 1.33 10.64
N TYR B 290 -25.77 2.26 9.76
CA TYR B 290 -24.67 2.05 8.81
C TYR B 290 -23.29 2.04 9.53
N GLU B 291 -23.13 2.95 10.49
CA GLU B 291 -21.94 3.06 11.33
C GLU B 291 -21.79 1.82 12.19
N LYS B 292 -22.90 1.22 12.63
CA LYS B 292 -22.87 0.00 13.42
C LYS B 292 -22.30 -1.21 12.65
N LEU B 293 -22.23 -1.10 11.30
CA LEU B 293 -21.67 -2.15 10.43
C LEU B 293 -20.17 -2.01 10.23
N ILE B 294 -19.63 -0.80 10.51
CA ILE B 294 -18.26 -0.40 10.21
C ILE B 294 -17.44 0.00 11.44
N GLY B 295 -17.96 0.96 12.21
CA GLY B 295 -17.29 1.58 13.35
C GLY B 295 -16.60 0.64 14.31
N GLY B 296 -15.44 1.06 14.79
CA GLY B 296 -14.65 0.33 15.78
C GLY B 296 -15.37 0.26 17.12
N LYS B 297 -16.38 1.11 17.35
CA LYS B 297 -17.15 1.04 18.58
C LYS B 297 -17.95 -0.31 18.66
N TYR B 298 -18.37 -0.85 17.48
CA TYR B 298 -19.21 -2.05 17.33
C TYR B 298 -18.53 -3.30 16.78
N MET B 299 -17.38 -3.16 16.08
CA MET B 299 -16.69 -4.27 15.41
C MET B 299 -16.40 -5.47 16.33
N GLY B 300 -15.78 -5.19 17.46
CA GLY B 300 -15.44 -6.20 18.47
C GLY B 300 -16.67 -6.89 19.01
N GLU B 301 -17.73 -6.12 19.25
CA GLU B 301 -19.02 -6.65 19.70
C GLU B 301 -19.70 -7.53 18.63
N LEU B 302 -19.58 -7.17 17.34
CA LEU B 302 -20.09 -7.99 16.23
C LEU B 302 -19.34 -9.33 16.25
N VAL B 303 -18.00 -9.31 16.38
CA VAL B 303 -17.18 -10.51 16.48
C VAL B 303 -17.64 -11.36 17.67
N ARG B 304 -17.77 -10.75 18.88
CA ARG B 304 -18.22 -11.43 20.10
C ARG B 304 -19.52 -12.22 19.87
N LEU B 305 -20.53 -11.61 19.22
CA LEU B 305 -21.83 -12.19 18.95
C LEU B 305 -21.77 -13.33 17.95
N VAL B 306 -20.87 -13.23 16.95
CA VAL B 306 -20.63 -14.28 15.97
C VAL B 306 -20.08 -15.52 16.70
N LEU B 307 -19.02 -15.32 17.54
CA LEU B 307 -18.39 -16.37 18.32
C LEU B 307 -19.40 -17.05 19.24
N LEU B 308 -20.27 -16.28 19.92
CA LEU B 308 -21.32 -16.84 20.79
C LEU B 308 -22.35 -17.71 20.02
N ARG B 309 -22.67 -17.37 18.74
CA ARG B 309 -23.59 -18.15 17.90
C ARG B 309 -22.93 -19.48 17.61
N LEU B 310 -21.61 -19.46 17.34
CA LEU B 310 -20.81 -20.63 17.03
C LEU B 310 -20.75 -21.59 18.22
N VAL B 311 -20.57 -21.00 19.41
CA VAL B 311 -20.52 -21.73 20.68
C VAL B 311 -21.87 -22.42 20.92
N ASP B 312 -22.99 -21.68 20.77
CA ASP B 312 -24.34 -22.21 20.91
C ASP B 312 -24.67 -23.35 19.90
N GLU B 313 -24.02 -23.31 18.72
CA GLU B 313 -24.17 -24.31 17.68
C GLU B 313 -23.18 -25.46 17.85
N ASN B 314 -22.41 -25.45 18.96
CA ASN B 314 -21.41 -26.44 19.35
C ASN B 314 -20.32 -26.61 18.29
N LEU B 315 -19.91 -25.46 17.69
CA LEU B 315 -18.86 -25.39 16.66
C LEU B 315 -17.60 -24.72 17.16
N LEU B 316 -17.67 -24.05 18.33
CA LEU B 316 -16.53 -23.31 18.87
C LEU B 316 -16.42 -23.49 20.39
N PHE B 317 -15.18 -23.63 20.90
CA PHE B 317 -14.86 -23.79 22.32
C PHE B 317 -15.62 -24.96 23.00
N HIS B 318 -15.83 -26.07 22.24
CA HIS B 318 -16.57 -27.27 22.70
C HIS B 318 -17.97 -26.91 23.23
N GLY B 319 -18.57 -25.91 22.59
CA GLY B 319 -19.89 -25.39 22.94
C GLY B 319 -19.97 -24.72 24.30
N GLU B 320 -18.79 -24.38 24.88
CA GLU B 320 -18.67 -23.74 26.18
C GLU B 320 -17.96 -22.39 26.12
N ALA B 321 -18.67 -21.32 26.52
CA ALA B 321 -18.10 -19.97 26.57
C ALA B 321 -17.93 -19.50 28.01
N SER B 322 -16.85 -18.74 28.27
CA SER B 322 -16.53 -18.15 29.58
C SER B 322 -17.54 -17.04 29.93
N GLU B 323 -17.66 -16.68 31.23
CA GLU B 323 -18.56 -15.61 31.68
C GLU B 323 -18.14 -14.27 31.02
N GLN B 324 -16.80 -14.08 30.83
CA GLN B 324 -16.20 -12.93 30.17
C GLN B 324 -16.71 -12.80 28.73
N LEU B 325 -16.59 -13.88 27.91
CA LEU B 325 -17.08 -13.86 26.53
C LEU B 325 -18.59 -13.57 26.45
N ARG B 326 -19.35 -13.93 27.52
CA ARG B 326 -20.80 -13.66 27.59
C ARG B 326 -21.11 -12.24 28.09
N THR B 327 -20.06 -11.39 28.31
CA THR B 327 -20.22 -9.99 28.77
C THR B 327 -20.04 -9.00 27.63
N ARG B 328 -21.06 -8.16 27.37
CA ARG B 328 -21.05 -7.11 26.36
C ARG B 328 -19.78 -6.29 26.49
N GLY B 329 -19.09 -6.12 25.37
CA GLY B 329 -17.85 -5.36 25.32
C GLY B 329 -16.58 -6.10 25.62
N ALA B 330 -16.66 -7.35 26.10
CA ALA B 330 -15.47 -8.16 26.41
C ALA B 330 -14.50 -8.38 25.23
N PHE B 331 -15.06 -8.50 23.98
CA PHE B 331 -14.23 -8.66 22.78
C PHE B 331 -14.01 -7.27 22.21
N GLU B 332 -12.86 -6.70 22.53
CA GLU B 332 -12.45 -5.36 22.15
C GLU B 332 -12.10 -5.28 20.68
N THR B 333 -12.36 -4.14 20.06
CA THR B 333 -12.07 -3.93 18.64
C THR B 333 -10.56 -4.04 18.36
N ARG B 334 -9.71 -3.71 19.35
CA ARG B 334 -8.26 -3.87 19.19
C ARG B 334 -7.87 -5.36 19.08
N PHE B 335 -8.69 -6.28 19.70
CA PHE B 335 -8.45 -7.72 19.64
C PHE B 335 -8.66 -8.23 18.24
N VAL B 336 -9.62 -7.65 17.52
CA VAL B 336 -9.95 -7.95 16.11
C VAL B 336 -8.71 -7.67 15.25
N SER B 337 -8.11 -6.51 15.47
CA SER B 337 -6.91 -6.02 14.78
C SER B 337 -5.72 -6.95 15.14
N GLN B 338 -5.60 -7.30 16.44
CA GLN B 338 -4.55 -8.17 16.98
C GLN B 338 -4.61 -9.58 16.42
N VAL B 339 -5.83 -10.17 16.35
CA VAL B 339 -6.10 -11.51 15.78
C VAL B 339 -5.67 -11.53 14.29
N GLU B 340 -5.97 -10.45 13.56
CA GLU B 340 -5.63 -10.32 12.15
C GLU B 340 -4.16 -10.03 11.89
N SER B 341 -3.42 -9.59 12.92
CA SER B 341 -1.99 -9.31 12.79
C SER B 341 -1.15 -10.59 13.12
N ASP B 342 -1.80 -11.67 13.61
CA ASP B 342 -1.17 -12.96 13.95
C ASP B 342 -0.37 -13.47 12.75
N THR B 343 0.86 -13.94 13.00
CA THR B 343 1.76 -14.43 11.94
C THR B 343 1.36 -15.81 11.37
N GLY B 344 0.65 -16.60 12.16
CA GLY B 344 0.22 -17.95 11.78
C GLY B 344 0.38 -18.97 12.89
N ASP B 345 1.31 -18.71 13.83
CA ASP B 345 1.55 -19.60 14.98
C ASP B 345 0.39 -19.65 15.98
N ARG B 346 -0.62 -18.75 15.82
CA ARG B 346 -1.82 -18.60 16.66
C ARG B 346 -1.52 -18.09 18.09
N LYS B 347 -0.26 -17.68 18.38
CA LYS B 347 0.17 -17.17 19.70
C LYS B 347 -0.64 -15.95 20.18
N GLN B 348 -0.74 -14.89 19.33
CA GLN B 348 -1.52 -13.68 19.62
C GLN B 348 -2.99 -14.05 19.90
N ILE B 349 -3.59 -14.93 19.05
CA ILE B 349 -4.98 -15.38 19.20
C ILE B 349 -5.18 -16.15 20.49
N TYR B 350 -4.26 -17.08 20.80
CA TYR B 350 -4.29 -17.87 22.04
C TYR B 350 -4.27 -16.96 23.27
N ASN B 351 -3.33 -16.00 23.29
CA ASN B 351 -3.18 -15.05 24.40
C ASN B 351 -4.40 -14.16 24.62
N ILE B 352 -5.11 -13.73 23.55
CA ILE B 352 -6.33 -12.92 23.68
C ILE B 352 -7.41 -13.78 24.30
N LEU B 353 -7.60 -15.01 23.79
CA LEU B 353 -8.65 -15.93 24.24
C LEU B 353 -8.40 -16.52 25.63
N SER B 354 -7.12 -16.75 26.01
CA SER B 354 -6.73 -17.26 27.33
C SER B 354 -7.17 -16.21 28.38
N THR B 355 -6.84 -14.91 28.13
CA THR B 355 -7.20 -13.78 28.99
C THR B 355 -8.71 -13.64 29.12
N LEU B 356 -9.45 -14.04 28.05
CA LEU B 356 -10.92 -14.01 28.02
C LEU B 356 -11.54 -15.20 28.76
N GLY B 357 -10.70 -16.04 29.36
CA GLY B 357 -11.10 -17.17 30.19
C GLY B 357 -11.47 -18.43 29.44
N LEU B 358 -10.85 -18.62 28.27
CA LEU B 358 -11.08 -19.75 27.39
C LEU B 358 -9.83 -20.61 27.25
N ARG B 359 -10.04 -21.91 26.99
CA ARG B 359 -9.00 -22.87 26.71
C ARG B 359 -9.24 -23.30 25.24
N PRO B 360 -8.74 -22.51 24.26
CA PRO B 360 -9.04 -22.82 22.85
C PRO B 360 -8.08 -23.79 22.18
N SER B 361 -8.63 -24.54 21.23
CA SER B 361 -7.86 -25.46 20.40
C SER B 361 -7.21 -24.64 19.27
N THR B 362 -6.37 -25.28 18.48
CA THR B 362 -5.72 -24.66 17.31
C THR B 362 -6.83 -24.29 16.29
N THR B 363 -7.88 -25.13 16.18
CA THR B 363 -9.04 -24.96 15.29
C THR B 363 -9.90 -23.77 15.76
N ASP B 364 -10.13 -23.66 17.08
CA ASP B 364 -10.88 -22.57 17.71
C ASP B 364 -10.23 -21.21 17.34
N CYS B 365 -8.88 -21.10 17.50
CA CYS B 365 -8.05 -19.94 17.16
C CYS B 365 -8.26 -19.54 15.71
N ASP B 366 -8.26 -20.53 14.81
CA ASP B 366 -8.44 -20.30 13.36
C ASP B 366 -9.85 -19.81 13.04
N ILE B 367 -10.86 -20.35 13.75
CA ILE B 367 -12.26 -19.96 13.58
C ILE B 367 -12.43 -18.46 13.96
N VAL B 368 -11.80 -18.04 15.08
CA VAL B 368 -11.78 -16.68 15.61
C VAL B 368 -11.19 -15.72 14.55
N ARG B 369 -10.07 -16.10 13.94
CA ARG B 369 -9.47 -15.30 12.87
C ARG B 369 -10.40 -15.11 11.67
N ARG B 370 -11.07 -16.18 11.25
CA ARG B 370 -12.01 -16.21 10.13
C ARG B 370 -13.17 -15.27 10.42
N ALA B 371 -13.67 -15.35 11.67
CA ALA B 371 -14.76 -14.56 12.21
C ALA B 371 -14.38 -13.09 12.16
N CYS B 372 -13.16 -12.75 12.60
CA CYS B 372 -12.65 -11.39 12.61
C CYS B 372 -12.57 -10.84 11.19
N GLU B 373 -12.04 -11.66 10.24
CA GLU B 373 -11.89 -11.30 8.83
C GLU B 373 -13.23 -11.08 8.14
N SER B 374 -14.24 -11.88 8.49
CA SER B 374 -15.57 -11.76 7.91
C SER B 374 -16.20 -10.44 8.28
N VAL B 375 -16.12 -10.05 9.56
CA VAL B 375 -16.70 -8.79 10.09
C VAL B 375 -15.97 -7.57 9.52
N SER B 376 -14.65 -7.58 9.53
CA SER B 376 -13.75 -6.54 9.02
C SER B 376 -13.83 -6.34 7.51
N THR B 377 -14.00 -7.42 6.74
CA THR B 377 -14.13 -7.37 5.27
C THR B 377 -15.47 -6.74 4.92
N ARG B 378 -16.54 -7.13 5.66
CA ARG B 378 -17.85 -6.55 5.38
C ARG B 378 -17.83 -5.04 5.68
N ALA B 379 -17.18 -4.64 6.80
CA ALA B 379 -17.03 -3.24 7.20
C ALA B 379 -16.34 -2.45 6.07
N ALA B 380 -15.24 -2.99 5.52
CA ALA B 380 -14.47 -2.38 4.42
C ALA B 380 -15.32 -2.21 3.16
N HIS B 381 -16.10 -3.25 2.79
CA HIS B 381 -16.98 -3.26 1.60
C HIS B 381 -18.13 -2.28 1.72
N MET B 382 -18.84 -2.31 2.86
CA MET B 382 -19.97 -1.40 3.17
C MET B 382 -19.49 0.01 3.15
N CYS B 383 -18.30 0.25 3.69
CA CYS B 383 -17.69 1.57 3.72
C CYS B 383 -17.35 2.08 2.33
N SER B 384 -16.83 1.19 1.47
CA SER B 384 -16.46 1.51 0.08
C SER B 384 -17.67 1.92 -0.76
N ALA B 385 -18.84 1.26 -0.54
CA ALA B 385 -20.12 1.59 -1.20
C ALA B 385 -20.55 3.02 -0.87
N GLY B 386 -20.36 3.44 0.38
CA GLY B 386 -20.67 4.79 0.82
C GLY B 386 -19.78 5.81 0.16
N LEU B 387 -18.43 5.59 0.20
CA LEU B 387 -17.48 6.53 -0.39
C LEU B 387 -17.66 6.64 -1.94
N ALA B 388 -17.89 5.51 -2.61
CA ALA B 388 -18.18 5.39 -4.04
C ALA B 388 -19.43 6.24 -4.41
N GLY B 389 -20.46 6.23 -3.56
CA GLY B 389 -21.67 7.01 -3.73
C GLY B 389 -21.35 8.49 -3.77
N VAL B 390 -20.48 8.94 -2.85
CA VAL B 390 -20.06 10.32 -2.72
C VAL B 390 -19.21 10.71 -3.95
N ILE B 391 -18.20 9.91 -4.28
CA ILE B 391 -17.27 10.17 -5.36
C ILE B 391 -17.97 10.17 -6.74
N ASN B 392 -18.81 9.16 -7.02
CA ASN B 392 -19.58 9.11 -8.28
C ASN B 392 -20.56 10.26 -8.39
N ARG B 393 -21.14 10.70 -7.26
CA ARG B 393 -22.03 11.86 -7.23
C ARG B 393 -21.24 13.13 -7.61
N MET B 394 -19.99 13.26 -7.13
CA MET B 394 -19.14 14.41 -7.40
C MET B 394 -18.71 14.48 -8.88
N ARG B 395 -18.37 13.30 -9.47
CA ARG B 395 -17.99 13.16 -10.88
C ARG B 395 -19.09 13.73 -11.77
N GLU B 396 -20.36 13.31 -11.52
CA GLU B 396 -21.55 13.74 -12.26
C GLU B 396 -21.80 15.24 -12.14
N SER B 397 -21.65 15.80 -10.93
CA SER B 397 -21.82 17.25 -10.66
C SER B 397 -20.74 18.10 -11.34
N ARG B 398 -19.52 17.56 -11.41
CA ARG B 398 -18.38 18.27 -12.01
C ARG B 398 -18.15 17.86 -13.49
N SER B 399 -19.00 16.96 -14.02
CA SER B 399 -18.97 16.46 -15.41
C SER B 399 -17.51 16.16 -15.91
N GLU B 400 -16.74 15.51 -15.02
CA GLU B 400 -15.34 15.15 -15.25
C GLU B 400 -15.29 13.74 -15.83
N ASP B 401 -14.82 13.63 -17.09
CA ASP B 401 -14.68 12.41 -17.89
C ASP B 401 -13.89 11.36 -17.09
N VAL B 402 -12.74 11.80 -16.57
CA VAL B 402 -11.87 11.08 -15.64
C VAL B 402 -11.77 12.03 -14.44
N MET B 403 -12.42 11.69 -13.30
CA MET B 403 -12.36 12.55 -12.12
C MET B 403 -11.18 12.21 -11.21
N ARG B 404 -10.32 13.20 -10.99
CA ARG B 404 -9.13 13.05 -10.17
C ARG B 404 -9.41 13.73 -8.85
N ILE B 405 -9.59 12.92 -7.79
CA ILE B 405 -9.92 13.41 -6.46
C ILE B 405 -9.02 12.82 -5.40
N THR B 406 -8.80 13.61 -4.35
CA THR B 406 -8.07 13.22 -3.18
C THR B 406 -9.05 13.14 -1.98
N VAL B 407 -8.97 12.04 -1.24
CA VAL B 407 -9.78 11.78 -0.04
C VAL B 407 -8.83 11.77 1.16
N GLY B 408 -9.09 12.63 2.13
CA GLY B 408 -8.35 12.70 3.39
C GLY B 408 -8.99 11.75 4.38
N VAL B 409 -8.20 10.83 4.98
CA VAL B 409 -8.75 9.78 5.85
C VAL B 409 -8.08 9.74 7.22
N ASP B 410 -8.90 9.54 8.24
CA ASP B 410 -8.44 9.38 9.61
C ASP B 410 -9.24 8.25 10.28
N GLY B 411 -8.79 7.84 11.47
CA GLY B 411 -9.46 6.78 12.22
C GLY B 411 -8.64 5.52 12.36
N SER B 412 -8.69 4.92 13.55
CA SER B 412 -7.95 3.71 13.95
C SER B 412 -8.27 2.48 13.11
N VAL B 413 -9.54 2.33 12.67
CA VAL B 413 -9.93 1.20 11.82
C VAL B 413 -9.15 1.29 10.51
N TYR B 414 -9.23 2.42 9.82
CA TYR B 414 -8.51 2.61 8.56
C TYR B 414 -6.99 2.57 8.73
N LYS B 415 -6.44 3.31 9.69
CA LYS B 415 -5.00 3.38 9.87
C LYS B 415 -4.36 2.10 10.39
N LEU B 416 -4.92 1.50 11.46
CA LEU B 416 -4.29 0.39 12.16
C LEU B 416 -4.77 -1.02 11.86
N HIS B 417 -6.00 -1.22 11.35
CA HIS B 417 -6.51 -2.57 11.15
C HIS B 417 -5.83 -3.28 9.96
N PRO B 418 -5.28 -4.53 10.17
CA PRO B 418 -4.57 -5.21 9.07
C PRO B 418 -5.48 -5.46 7.87
N SER B 419 -5.07 -4.92 6.71
CA SER B 419 -5.69 -5.06 5.40
C SER B 419 -7.11 -4.49 5.31
N PHE B 420 -7.52 -3.60 6.26
CA PHE B 420 -8.83 -2.93 6.12
C PHE B 420 -8.69 -1.96 4.97
N LYS B 421 -7.62 -1.14 4.97
CA LYS B 421 -7.46 -0.12 3.93
C LYS B 421 -7.22 -0.75 2.56
N GLU B 422 -6.55 -1.91 2.53
CA GLU B 422 -6.26 -2.65 1.29
C GLU B 422 -7.55 -3.15 0.66
N ARG B 423 -8.44 -3.76 1.50
CA ARG B 423 -9.73 -4.27 1.05
C ARG B 423 -10.63 -3.12 0.65
N PHE B 424 -10.62 -2.02 1.46
CA PHE B 424 -11.41 -0.82 1.19
C PHE B 424 -10.99 -0.13 -0.15
N HIS B 425 -9.68 0.05 -0.36
CA HIS B 425 -9.11 0.65 -1.58
C HIS B 425 -9.50 -0.14 -2.84
N ALA B 426 -9.34 -1.47 -2.81
CA ALA B 426 -9.70 -2.37 -3.91
C ALA B 426 -11.17 -2.26 -4.25
N SER B 427 -12.03 -2.37 -3.24
CA SER B 427 -13.47 -2.31 -3.39
C SER B 427 -13.97 -0.97 -3.90
N VAL B 428 -13.38 0.13 -3.41
CA VAL B 428 -13.78 1.48 -3.80
C VAL B 428 -13.41 1.76 -5.25
N ARG B 429 -12.22 1.27 -5.71
CA ARG B 429 -11.75 1.41 -7.11
C ARG B 429 -12.70 0.70 -8.07
N ARG B 430 -13.14 -0.53 -7.72
CA ARG B 430 -14.12 -1.31 -8.49
C ARG B 430 -15.43 -0.56 -8.68
N LEU B 431 -15.84 0.20 -7.66
CA LEU B 431 -17.11 0.92 -7.64
C LEU B 431 -17.06 2.32 -8.25
N THR B 432 -15.85 2.89 -8.45
CA THR B 432 -15.67 4.22 -9.04
C THR B 432 -14.93 4.10 -10.39
N PRO B 433 -15.61 3.62 -11.46
CA PRO B 433 -14.91 3.34 -12.75
C PRO B 433 -14.12 4.47 -13.40
N SER B 434 -14.67 5.70 -13.55
CA SER B 434 -13.78 6.66 -14.21
C SER B 434 -13.28 7.74 -13.25
N CYS B 435 -12.76 7.26 -12.11
CA CYS B 435 -12.20 8.11 -11.07
C CYS B 435 -10.81 7.61 -10.71
N GLU B 436 -9.91 8.54 -10.48
CA GLU B 436 -8.54 8.26 -10.07
C GLU B 436 -8.49 8.87 -8.69
N ILE B 437 -8.60 8.01 -7.68
CA ILE B 437 -8.69 8.44 -6.27
C ILE B 437 -7.36 8.34 -5.56
N THR B 438 -7.00 9.41 -4.86
CA THR B 438 -5.76 9.43 -4.06
C THR B 438 -6.16 9.50 -2.61
N PHE B 439 -5.58 8.63 -1.79
CA PHE B 439 -5.87 8.62 -0.37
C PHE B 439 -4.73 9.21 0.42
N ILE B 440 -5.02 10.15 1.31
CA ILE B 440 -4.01 10.76 2.19
C ILE B 440 -4.42 10.52 3.63
N GLU B 441 -3.42 10.38 4.51
CA GLU B 441 -3.61 10.31 5.96
C GLU B 441 -2.90 11.51 6.52
N SER B 442 -3.48 12.15 7.52
CA SER B 442 -2.76 13.24 8.20
C SER B 442 -2.62 12.63 9.59
N GLU B 443 -1.48 12.88 10.27
CA GLU B 443 -1.25 12.30 11.60
C GLU B 443 -1.96 13.18 12.64
N GLU B 444 -1.84 14.52 12.50
CA GLU B 444 -2.43 15.52 13.38
C GLU B 444 -3.64 16.29 12.75
N GLY B 445 -4.24 15.72 11.72
CA GLY B 445 -5.35 16.30 10.97
C GLY B 445 -6.53 16.80 11.75
N SER B 446 -6.95 16.04 12.77
CA SER B 446 -8.06 16.34 13.68
C SER B 446 -7.92 17.74 14.28
N GLY B 447 -6.72 18.10 14.69
CA GLY B 447 -6.48 19.39 15.28
C GLY B 447 -6.06 20.44 14.27
N ARG B 448 -5.14 20.07 13.37
CA ARG B 448 -4.57 20.99 12.40
C ARG B 448 -5.62 21.56 11.43
N GLY B 449 -6.58 20.74 11.03
CA GLY B 449 -7.65 21.14 10.12
C GLY B 449 -8.52 22.20 10.74
N ALA B 450 -8.83 22.06 12.06
CA ALA B 450 -9.62 23.03 12.82
C ALA B 450 -8.89 24.38 12.96
N ALA B 451 -7.55 24.36 13.15
CA ALA B 451 -6.73 25.58 13.24
C ALA B 451 -6.68 26.29 11.89
N LEU B 452 -6.61 25.53 10.80
CA LEU B 452 -6.55 26.11 9.46
C LEU B 452 -7.90 26.75 9.10
N VAL B 453 -9.02 26.14 9.52
CA VAL B 453 -10.36 26.71 9.32
C VAL B 453 -10.44 28.00 10.19
N SER B 454 -9.87 27.98 11.38
CA SER B 454 -9.83 29.13 12.29
C SER B 454 -9.06 30.29 11.67
N ALA B 455 -7.92 29.99 11.01
CA ALA B 455 -7.07 30.96 10.32
C ALA B 455 -7.76 31.61 9.12
N VAL B 456 -8.56 30.82 8.37
CA VAL B 456 -9.33 31.31 7.23
C VAL B 456 -10.55 32.11 7.74
N ALA B 457 -11.27 31.60 8.74
CA ALA B 457 -12.43 32.26 9.36
C ALA B 457 -12.05 33.64 9.93
N CYS B 458 -10.89 33.75 10.62
CA CYS B 458 -10.32 34.95 11.22
C CYS B 458 -10.17 36.14 10.26
N LYS B 459 -10.09 35.91 8.94
CA LYS B 459 -10.04 36.96 7.93
C LYS B 459 -11.21 37.94 8.13
N LYS B 460 -12.43 37.41 8.36
CA LYS B 460 -13.64 38.17 8.62
C LYS B 460 -13.88 38.43 10.13
N ALA B 461 -13.74 37.37 10.95
CA ALA B 461 -13.97 37.32 12.41
C ALA B 461 -13.31 38.43 13.24
N CYS B 462 -11.98 38.61 13.09
CA CYS B 462 -11.21 39.60 13.87
C CYS B 462 -11.55 41.07 13.48
N MET B 463 -12.31 41.27 12.37
CA MET B 463 -12.86 42.55 11.91
C MET B 463 -14.38 42.56 12.22
#